data_1QBK
#
_entry.id   1QBK
#
_cell.length_a   133.110
_cell.length_b   133.110
_cell.length_c   138.410
_cell.angle_alpha   90.00
_cell.angle_beta   90.00
_cell.angle_gamma   120.00
#
_symmetry.space_group_name_H-M   'P 32 2 1'
#
loop_
_entity.id
_entity.type
_entity.pdbx_description
1 polymer 'KARYOPHERIN BETA2'
2 polymer RAN
3 non-polymer 'MAGNESIUM ION'
4 non-polymer 'PHOSPHOAMINOPHOSPHONIC ACID-GUANYLATE ESTER'
#
loop_
_entity_poly.entity_id
_entity_poly.type
_entity_poly.pdbx_seq_one_letter_code
_entity_poly.pdbx_strand_id
1 'polypeptide(L)'
;MEYEWKPDEQGLQQILQLLKESQSPDTTIQRTVQQKLEQLNQYPDFNNYLIFVLTKLKSEDEPTRSLSGLILKNNVKAHF
QNFPNGVTDFIKSECLNNIGDSSPLIRATVGILITTIASKGELQNWPDLLPKLCSLLDSEDYNTCEGAFGALQKICEDSA
EILDSDVLDRPLNI(MSE)IPKFLQFFKHSSPKIRSHAVACVNQFIISRTQAL(MSE)LHIDSFTENLFALAGDEEPEVR
KNVCRALV(MSE)LLEVRMDRLLPH(MSE)HNIVEY(MSE)LQRTQDQDENVALEACEFWLTLAEQPICKDVLVRHLPKL
IPVLVNG(MSE)KYSDIDIILLKGDVEEDETIPDSEQDIRPRFHRSRTVAQQHDEDGIEEEDDDDDEIDDDDTISDWNLR
KCSAAALDVLANVYRDELLPHILPLLKELLFHHEWVVKESGILVLGAIAEGC(MSE)QG(MSE)IPYLPELIPHLIQCLS
DKKALVRSITCWTLSRYAHWVVSQPPDTYLKPL(MSE)TELLKRILDSNKRVQEAACSAFATLEEEACTELVPYLAYILD
TLVFAFSKYQHKNLLILYDAIGTLADSVGHHLNKPEYIQ(MSE)L(MSE)PPLIQKWN(MSE)LKDEDKDLFPLLECLSS
VATALQSGFLPYCEPVYQRCVNLVQKTLAQA(MSE)LNNAQPDQYEAPDKDF(MSE)IVALDLLSGLAEGLGGNIEQLVA
RSNILTL(MSE)YQC(MSE)QDK(MSE)PEVRQSSFALLGDLTKACFQHVKPCIADF(MSE)PILGTNLNPEFISVCNNA
TWAIGEISIQ(MSE)GIE(MSE)QPYIP(MSE)VLHQLVEIINRPNTPKTLLENTAITIGRLGYVCPQEVAP(MSE)LQQ
FIRPWCTSLRNIRDNEEKDSAFRGICT(MSE)ISVNPSGVIQDFIFFCDAVASWINPKDDLRD(MSE)FCKILHGFKNQV
GDENWRRFSDQFPLPLKERLAAFYGV
;
B
2 'polypeptide(L)'
;MAAQGEPQVQFKLVLVGDGGTGKTTFVKRHLTGEFEKKYVATLGVEVHPLVFHTNRGPIKFNVWDTAGQEKFGGLRDGYY
IQAQCAII(MSE)FDVTSRVTYKNVPNWHRDLVRVCENIPIVLCGNKVDIKDRKVKAKSIVFHRKKNLQYYDISAKSNYN
FEKPFLWLARKLIGDPNLEFVA(MSE)PALAPPEVV(MSE)DPALAAQYEHDLEVAQTTALPDEDDDL
;
C
#
loop_
_chem_comp.id
_chem_comp.type
_chem_comp.name
_chem_comp.formula
GNP non-polymer 'PHOSPHOAMINOPHOSPHONIC ACID-GUANYLATE ESTER' 'C10 H17 N6 O13 P3'
MG non-polymer 'MAGNESIUM ION' 'Mg 2'
#
# COMPACT_ATOMS: atom_id res chain seq x y z
N TYR A 3 -11.77 46.95 39.11
CA TYR A 3 -11.18 48.28 38.79
C TYR A 3 -9.69 48.19 38.45
N GLU A 4 -9.00 47.23 39.06
CA GLU A 4 -7.57 47.03 38.82
C GLU A 4 -7.35 46.20 37.54
N TRP A 5 -7.58 44.89 37.63
CA TRP A 5 -7.43 44.01 36.47
C TRP A 5 -8.78 43.85 35.76
N LYS A 6 -9.66 44.81 35.98
CA LYS A 6 -10.98 44.80 35.35
C LYS A 6 -10.92 45.48 33.98
N PRO A 7 -10.05 46.49 33.81
CA PRO A 7 -9.94 47.17 32.51
C PRO A 7 -9.03 46.34 31.59
N ASP A 8 -8.40 45.33 32.18
CA ASP A 8 -7.48 44.42 31.50
C ASP A 8 -8.23 43.18 30.97
N GLU A 9 -9.14 42.65 31.79
CA GLU A 9 -9.92 41.47 31.42
C GLU A 9 -10.83 41.80 30.24
N GLN A 10 -11.19 43.08 30.11
CA GLN A 10 -12.02 43.52 29.00
C GLN A 10 -11.09 43.77 27.82
N GLY A 11 -9.92 43.17 27.90
CA GLY A 11 -8.90 43.26 26.86
C GLY A 11 -8.81 41.90 26.20
N LEU A 12 -9.23 40.87 26.94
CA LEU A 12 -9.23 39.49 26.44
C LEU A 12 -10.51 39.33 25.63
N GLN A 13 -11.49 40.16 25.96
CA GLN A 13 -12.77 40.19 25.26
C GLN A 13 -12.47 40.82 23.90
N GLN A 14 -11.28 41.39 23.79
CA GLN A 14 -10.82 42.05 22.56
C GLN A 14 -9.83 41.17 21.79
N ILE A 15 -9.01 40.42 22.52
CA ILE A 15 -8.03 39.54 21.90
C ILE A 15 -8.74 38.29 21.38
N LEU A 16 -9.95 38.06 21.86
CA LEU A 16 -10.75 36.92 21.42
C LEU A 16 -11.55 37.32 20.19
N GLN A 17 -11.63 38.63 19.94
CA GLN A 17 -12.35 39.17 18.78
C GLN A 17 -11.39 39.22 17.61
N LEU A 18 -10.21 38.66 17.82
CA LEU A 18 -9.16 38.59 16.81
C LEU A 18 -8.72 37.13 16.72
N LEU A 19 -8.63 36.48 17.88
CA LEU A 19 -8.25 35.06 17.92
C LEU A 19 -9.30 34.30 17.13
N LYS A 20 -10.51 34.25 17.67
CA LYS A 20 -11.62 33.59 17.02
C LYS A 20 -11.57 33.93 15.54
N GLU A 21 -11.93 35.17 15.21
CA GLU A 21 -11.93 35.62 13.84
C GLU A 21 -10.53 36.04 13.42
N SER A 22 -9.65 35.04 13.23
CA SER A 22 -8.27 35.33 12.83
C SER A 22 -8.08 35.32 11.31
N GLN A 23 -7.14 36.16 10.87
CA GLN A 23 -6.80 36.32 9.46
C GLN A 23 -5.32 36.68 9.41
N SER A 24 -4.75 36.67 8.21
CA SER A 24 -3.33 36.98 8.02
C SER A 24 -2.78 38.08 8.94
N PRO A 25 -3.39 39.29 8.93
CA PRO A 25 -2.87 40.34 9.80
C PRO A 25 -2.90 39.90 11.26
N ASP A 26 -4.11 39.68 11.77
CA ASP A 26 -4.33 39.25 13.14
C ASP A 26 -3.38 38.14 13.51
N THR A 27 -3.08 37.30 12.54
CA THR A 27 -2.18 36.20 12.72
C THR A 27 -0.85 36.71 13.28
N THR A 28 0.12 36.91 12.37
CA THR A 28 1.45 37.38 12.73
C THR A 28 1.49 38.64 13.61
N ILE A 29 0.33 39.27 13.85
CA ILE A 29 0.26 40.49 14.68
C ILE A 29 -0.28 40.20 16.07
N GLN A 30 -1.41 39.51 16.14
CA GLN A 30 -2.01 39.18 17.43
C GLN A 30 -1.10 38.19 18.17
N ARG A 31 -0.24 37.50 17.44
CA ARG A 31 0.67 36.52 18.04
C ARG A 31 1.66 37.17 19.01
N THR A 32 1.68 38.50 19.02
CA THR A 32 2.57 39.25 19.91
C THR A 32 1.85 39.54 21.23
N VAL A 33 0.63 40.08 21.13
CA VAL A 33 -0.18 40.40 22.30
C VAL A 33 -0.51 39.14 23.12
N GLN A 34 -0.65 38.01 22.43
CA GLN A 34 -0.97 36.75 23.07
C GLN A 34 0.24 36.16 23.78
N GLN A 35 1.44 36.55 23.34
CA GLN A 35 2.66 36.04 23.92
C GLN A 35 3.46 37.10 24.67
N LYS A 36 2.76 38.14 25.13
CA LYS A 36 3.37 39.22 25.91
C LYS A 36 2.56 39.31 27.20
N LEU A 37 1.43 38.59 27.23
CA LEU A 37 0.53 38.53 28.39
C LEU A 37 0.87 37.28 29.20
N GLU A 38 2.05 36.73 28.92
CA GLU A 38 2.56 35.54 29.60
C GLU A 38 3.74 35.98 30.46
N GLN A 39 3.89 37.30 30.61
CA GLN A 39 4.96 37.91 31.42
C GLN A 39 4.36 38.52 32.69
N LEU A 40 3.31 39.33 32.55
CA LEU A 40 2.63 39.93 33.71
C LEU A 40 1.58 38.92 34.16
N ASN A 41 2.04 37.79 34.69
CA ASN A 41 1.18 36.71 35.13
C ASN A 41 0.38 36.92 36.40
N GLN A 42 0.00 38.17 36.67
CA GLN A 42 -0.80 38.49 37.85
C GLN A 42 -2.26 38.61 37.42
N TYR A 43 -2.52 38.32 36.15
CA TYR A 43 -3.86 38.40 35.60
C TYR A 43 -4.32 37.11 34.92
N PRO A 44 -3.41 36.34 34.31
CA PRO A 44 -3.84 35.09 33.65
C PRO A 44 -4.38 34.06 34.63
N ASP A 45 -3.78 33.99 35.81
CA ASP A 45 -4.21 33.06 36.86
C ASP A 45 -5.63 33.40 37.30
N PHE A 46 -6.11 34.57 36.87
CA PHE A 46 -7.45 35.05 37.18
C PHE A 46 -8.27 35.16 35.88
N ASN A 47 -7.67 35.79 34.86
CA ASN A 47 -8.32 35.95 33.56
C ASN A 47 -8.48 34.62 32.84
N ASN A 48 -8.80 33.58 33.61
CA ASN A 48 -9.00 32.23 33.07
C ASN A 48 -10.36 31.69 33.51
N TYR A 49 -10.67 31.90 34.78
CA TYR A 49 -11.95 31.47 35.37
C TYR A 49 -13.09 31.85 34.43
N LEU A 50 -12.74 32.69 33.46
CA LEU A 50 -13.64 33.22 32.45
C LEU A 50 -14.36 32.18 31.58
N ILE A 51 -14.98 31.17 32.21
CA ILE A 51 -15.72 30.15 31.46
C ILE A 51 -17.21 30.49 31.58
N PHE A 52 -17.63 30.77 32.82
CA PHE A 52 -19.00 31.13 33.17
C PHE A 52 -18.93 32.61 33.54
N VAL A 53 -17.84 33.24 33.11
CA VAL A 53 -17.59 34.65 33.36
C VAL A 53 -17.63 35.41 32.05
N LEU A 54 -16.95 34.88 31.03
CA LEU A 54 -16.90 35.48 29.69
C LEU A 54 -18.08 34.99 28.84
N THR A 55 -18.41 33.71 28.97
CA THR A 55 -19.56 33.16 28.26
C THR A 55 -20.70 33.97 28.86
N LYS A 56 -20.77 33.91 30.18
CA LYS A 56 -21.77 34.64 30.94
C LYS A 56 -21.22 36.05 31.07
N LEU A 57 -21.03 36.70 29.93
CA LEU A 57 -20.51 38.08 29.90
C LEU A 57 -20.95 38.75 28.61
N LYS A 58 -20.44 38.26 27.48
CA LYS A 58 -20.79 38.83 26.19
C LYS A 58 -21.04 37.77 25.12
N SER A 59 -19.97 37.29 24.50
CA SER A 59 -20.06 36.28 23.45
C SER A 59 -20.38 34.90 24.03
N GLU A 60 -20.16 33.86 23.22
CA GLU A 60 -20.38 32.48 23.64
C GLU A 60 -19.36 31.61 22.92
N ASP A 61 -19.39 31.69 21.60
CA ASP A 61 -18.48 30.94 20.76
C ASP A 61 -17.08 31.51 21.00
N GLU A 62 -17.01 32.82 21.21
CA GLU A 62 -15.75 33.52 21.45
C GLU A 62 -15.13 33.20 22.81
N PRO A 63 -15.92 33.27 23.89
CA PRO A 63 -15.42 32.98 25.23
C PRO A 63 -14.91 31.55 25.29
N THR A 64 -15.71 30.64 24.77
CA THR A 64 -15.35 29.23 24.74
C THR A 64 -14.00 29.06 24.06
N ARG A 65 -13.60 30.06 23.27
CA ARG A 65 -12.34 30.02 22.55
C ARG A 65 -11.15 30.52 23.38
N SER A 66 -11.38 30.73 24.66
CA SER A 66 -10.35 31.19 25.58
C SER A 66 -10.57 30.43 26.88
N LEU A 67 -11.84 30.34 27.29
CA LEU A 67 -12.21 29.62 28.50
C LEU A 67 -11.91 28.15 28.21
N SER A 68 -12.05 27.78 26.94
CA SER A 68 -11.75 26.43 26.48
C SER A 68 -10.54 26.64 25.57
N GLY A 69 -10.47 27.81 24.96
CA GLY A 69 -9.37 28.14 24.07
C GLY A 69 -8.06 28.31 24.82
N LEU A 70 -7.46 29.49 24.70
CA LEU A 70 -6.18 29.80 25.34
C LEU A 70 -5.81 29.04 26.61
N ILE A 71 -6.82 28.74 27.44
CA ILE A 71 -6.59 28.00 28.68
C ILE A 71 -5.62 26.83 28.44
N LEU A 72 -6.06 25.90 27.61
CA LEU A 72 -5.29 24.72 27.28
C LEU A 72 -3.82 24.99 26.96
N LYS A 73 -3.52 26.22 26.51
CA LYS A 73 -2.15 26.60 26.17
C LYS A 73 -1.27 26.75 27.41
N ASN A 74 -1.87 26.60 28.58
CA ASN A 74 -1.15 26.72 29.84
C ASN A 74 -0.67 25.36 30.28
N ASN A 75 -1.30 24.32 29.75
CA ASN A 75 -0.90 22.97 30.08
C ASN A 75 0.56 22.92 29.60
N VAL A 76 0.80 23.53 28.45
CA VAL A 76 2.13 23.62 27.83
C VAL A 76 3.10 24.33 28.78
N LYS A 77 2.56 25.18 29.64
CA LYS A 77 3.36 25.94 30.59
C LYS A 77 3.60 25.13 31.87
N ALA A 78 2.92 23.99 31.98
CA ALA A 78 3.06 23.10 33.15
C ALA A 78 3.71 21.79 32.71
N HIS A 79 3.44 21.39 31.46
CA HIS A 79 4.05 20.17 30.91
C HIS A 79 5.52 20.57 30.79
N PHE A 80 5.73 21.68 30.09
CA PHE A 80 7.06 22.23 29.89
C PHE A 80 7.35 23.17 31.05
N GLN A 81 7.81 22.60 32.16
CA GLN A 81 8.14 23.35 33.37
C GLN A 81 8.49 22.41 34.53
N ASN A 82 7.82 21.25 34.55
CA ASN A 82 8.01 20.23 35.59
C ASN A 82 7.21 20.68 36.82
N PHE A 83 6.43 21.73 36.63
CA PHE A 83 5.55 22.34 37.63
C PHE A 83 6.11 23.43 38.57
N PRO A 84 7.45 23.57 38.69
CA PRO A 84 7.97 24.62 39.58
C PRO A 84 7.40 26.01 39.27
N ASN A 85 6.46 26.07 38.34
CA ASN A 85 5.80 27.32 37.96
C ASN A 85 4.29 27.12 38.10
N GLY A 86 3.70 27.76 39.10
CA GLY A 86 2.27 27.66 39.32
C GLY A 86 1.78 26.48 40.15
N VAL A 87 2.68 25.79 40.85
CA VAL A 87 2.32 24.63 41.68
C VAL A 87 1.10 24.96 42.54
N THR A 88 0.93 26.25 42.85
CA THR A 88 -0.16 26.75 43.67
C THR A 88 -1.42 25.89 43.61
N ASP A 89 -1.93 25.52 44.79
CA ASP A 89 -3.12 24.69 44.91
C ASP A 89 -4.44 25.46 44.91
N PHE A 90 -4.39 26.78 45.04
CA PHE A 90 -5.62 27.57 45.00
C PHE A 90 -5.89 27.72 43.50
N ILE A 91 -4.86 28.13 42.77
CA ILE A 91 -4.96 28.30 41.32
C ILE A 91 -5.37 26.93 40.76
N LYS A 92 -4.95 25.88 41.46
CA LYS A 92 -5.24 24.50 41.09
C LYS A 92 -6.69 24.11 41.44
N SER A 93 -7.13 24.47 42.64
CA SER A 93 -8.48 24.17 43.09
C SER A 93 -9.48 25.23 42.62
N GLU A 94 -8.98 26.37 42.14
CA GLU A 94 -9.83 27.45 41.64
C GLU A 94 -10.56 26.89 40.43
N CYS A 95 -9.82 26.15 39.61
CA CYS A 95 -10.38 25.51 38.42
C CYS A 95 -10.87 24.12 38.80
N LEU A 96 -10.19 23.48 39.76
CA LEU A 96 -10.61 22.16 40.22
C LEU A 96 -11.94 22.36 40.94
N ASN A 97 -12.48 23.56 40.78
CA ASN A 97 -13.75 23.94 41.37
C ASN A 97 -14.73 24.20 40.23
N ASN A 98 -14.19 24.53 39.05
CA ASN A 98 -15.01 24.77 37.87
C ASN A 98 -15.58 23.39 37.53
N ILE A 99 -15.03 22.39 38.22
CA ILE A 99 -15.43 21.00 38.07
C ILE A 99 -16.95 20.92 38.22
N GLY A 100 -17.44 21.37 39.36
CA GLY A 100 -18.87 21.36 39.63
C GLY A 100 -19.59 22.42 38.83
N ASP A 101 -19.22 22.55 37.55
CA ASP A 101 -19.82 23.51 36.63
C ASP A 101 -19.96 22.83 35.26
N SER A 102 -20.48 21.61 35.31
CA SER A 102 -20.67 20.77 34.13
C SER A 102 -22.03 20.90 33.44
N SER A 103 -22.24 22.00 32.73
CA SER A 103 -23.48 22.22 32.00
C SER A 103 -23.64 23.59 31.32
N PRO A 104 -22.74 24.56 31.62
CA PRO A 104 -22.89 25.87 30.96
C PRO A 104 -22.72 25.72 29.45
N LEU A 105 -23.78 25.31 28.78
CA LEU A 105 -23.76 25.07 27.33
C LEU A 105 -22.83 23.89 27.07
N ILE A 106 -23.40 22.69 27.10
CA ILE A 106 -22.70 21.42 26.89
C ILE A 106 -21.41 21.47 26.05
N ARG A 107 -21.30 22.44 25.15
CA ARG A 107 -20.08 22.56 24.35
C ARG A 107 -18.96 22.90 25.33
N ALA A 108 -19.13 24.04 26.02
CA ALA A 108 -18.15 24.51 27.01
C ALA A 108 -18.13 23.60 28.23
N THR A 109 -19.02 22.60 28.24
CA THR A 109 -19.11 21.65 29.34
C THR A 109 -18.03 20.59 29.20
N VAL A 110 -17.09 20.82 28.30
CA VAL A 110 -16.00 19.86 28.09
C VAL A 110 -14.75 20.61 27.65
N GLY A 111 -14.94 21.82 27.13
CA GLY A 111 -13.82 22.62 26.66
C GLY A 111 -12.79 22.92 27.75
N ILE A 112 -12.96 22.28 28.90
CA ILE A 112 -12.06 22.47 30.02
C ILE A 112 -11.71 21.12 30.62
N LEU A 113 -12.59 20.15 30.38
CA LEU A 113 -12.44 18.80 30.91
C LEU A 113 -11.31 17.95 30.33
N ILE A 114 -10.66 18.46 29.29
CA ILE A 114 -9.55 17.73 28.68
C ILE A 114 -8.28 18.14 29.43
N THR A 115 -8.35 19.32 30.09
CA THR A 115 -7.23 19.82 30.87
C THR A 115 -7.10 18.86 32.05
N THR A 116 -8.24 18.40 32.54
CA THR A 116 -8.30 17.47 33.67
C THR A 116 -7.58 16.17 33.33
N ILE A 117 -7.05 16.09 32.11
CA ILE A 117 -6.31 14.91 31.68
C ILE A 117 -4.86 15.37 31.58
N ALA A 118 -4.68 16.57 31.04
CA ALA A 118 -3.35 17.16 30.88
C ALA A 118 -2.76 17.47 32.24
N SER A 119 -3.47 18.30 33.01
CA SER A 119 -3.05 18.69 34.35
C SER A 119 -3.37 17.54 35.30
N LYS A 120 -2.64 16.45 35.08
CA LYS A 120 -2.75 15.22 35.85
C LYS A 120 -1.70 14.28 35.25
N GLY A 121 -1.27 14.61 34.04
CA GLY A 121 -0.23 13.85 33.37
C GLY A 121 1.07 14.58 33.64
N GLU A 122 0.94 15.85 34.00
CA GLU A 122 2.05 16.74 34.34
C GLU A 122 2.03 16.97 35.85
N LEU A 123 1.28 16.11 36.53
CA LEU A 123 1.11 16.11 37.99
C LEU A 123 0.33 14.82 38.27
N GLN A 124 0.89 13.69 37.84
CA GLN A 124 0.28 12.38 38.03
C GLN A 124 0.17 12.01 39.50
N ASN A 125 1.22 12.30 40.27
CA ASN A 125 1.22 12.01 41.71
C ASN A 125 0.04 12.81 42.26
N TRP A 126 -0.22 12.71 43.56
CA TRP A 126 -1.35 13.44 44.10
C TRP A 126 -2.58 12.84 43.37
N PRO A 127 -2.64 11.49 43.29
CA PRO A 127 -3.76 10.84 42.61
C PRO A 127 -5.06 10.70 43.42
N ASP A 128 -5.48 11.78 44.09
CA ASP A 128 -6.72 11.72 44.86
C ASP A 128 -7.39 13.02 45.29
N LEU A 129 -6.69 14.15 45.27
CA LEU A 129 -7.32 15.42 45.64
C LEU A 129 -8.28 15.78 44.51
N LEU A 130 -7.81 15.58 43.28
CA LEU A 130 -8.60 15.84 42.07
C LEU A 130 -9.30 14.52 41.72
N PRO A 131 -8.55 13.40 41.70
CA PRO A 131 -9.14 12.10 41.39
C PRO A 131 -10.14 11.70 42.48
N LYS A 132 -10.72 12.72 43.11
CA LYS A 132 -11.71 12.51 44.16
C LYS A 132 -13.07 12.71 43.51
N LEU A 133 -13.10 13.54 42.47
CA LEU A 133 -14.33 13.80 41.70
C LEU A 133 -14.73 12.44 41.14
N CYS A 134 -13.71 11.61 40.93
CA CYS A 134 -13.90 10.25 40.42
C CYS A 134 -15.19 9.72 41.03
N SER A 135 -15.12 9.42 42.32
CA SER A 135 -16.26 8.90 43.06
C SER A 135 -17.16 10.05 43.49
N LEU A 136 -16.56 11.22 43.75
CA LEU A 136 -17.32 12.40 44.17
C LEU A 136 -18.15 12.97 43.02
N LEU A 137 -18.48 12.09 42.07
CA LEU A 137 -19.28 12.43 40.90
C LEU A 137 -19.58 11.13 40.14
N ASP A 138 -18.87 10.07 40.54
CA ASP A 138 -19.01 8.72 39.97
C ASP A 138 -20.49 8.36 39.75
N SER A 139 -21.10 7.77 40.76
CA SER A 139 -22.49 7.37 40.69
C SER A 139 -23.35 8.62 40.85
N GLU A 140 -22.71 9.78 40.80
CA GLU A 140 -23.42 11.04 40.92
C GLU A 140 -24.25 11.31 39.66
N ASP A 141 -23.78 10.76 38.56
CA ASP A 141 -24.44 10.92 37.25
C ASP A 141 -25.81 10.25 37.26
N TYR A 142 -26.06 9.52 38.34
CA TYR A 142 -27.33 8.81 38.55
C TYR A 142 -28.49 9.81 38.54
N ASN A 143 -28.36 10.81 37.66
CA ASN A 143 -29.31 11.88 37.52
C ASN A 143 -29.30 12.79 38.74
N THR A 144 -28.44 13.87 38.71
CA THR A 144 -28.34 14.77 39.83
C THR A 144 -27.90 16.19 39.44
N CYS A 145 -28.53 16.77 38.43
CA CYS A 145 -28.19 18.13 38.00
C CYS A 145 -29.15 18.67 36.93
N GLU A 146 -28.71 19.69 36.21
CA GLU A 146 -29.50 20.34 35.16
C GLU A 146 -29.95 19.31 34.14
N GLY A 147 -31.15 18.82 34.43
CA GLY A 147 -31.83 17.78 33.65
C GLY A 147 -31.97 16.52 34.51
N ALA A 148 -30.82 15.92 34.75
CA ALA A 148 -30.70 14.69 35.54
C ALA A 148 -29.28 14.13 35.33
N PHE A 149 -28.89 14.16 34.08
CA PHE A 149 -27.57 13.70 33.63
C PHE A 149 -26.99 14.74 32.66
N GLY A 150 -27.87 15.62 32.24
CA GLY A 150 -27.54 16.71 31.30
C GLY A 150 -26.66 17.76 32.01
N ALA A 151 -25.97 17.27 33.02
CA ALA A 151 -25.06 18.09 33.83
C ALA A 151 -24.08 17.19 34.59
N LEU A 152 -24.57 16.00 34.90
CA LEU A 152 -23.80 14.98 35.62
C LEU A 152 -23.16 14.01 34.64
N GLN A 153 -23.85 13.86 33.52
CA GLN A 153 -23.42 12.98 32.42
C GLN A 153 -22.41 13.70 31.52
N LYS A 154 -22.53 15.01 31.54
CA LYS A 154 -21.66 15.90 30.75
C LYS A 154 -20.28 15.96 31.39
N ILE A 155 -19.96 14.89 32.09
CA ILE A 155 -18.68 14.73 32.79
C ILE A 155 -18.37 13.25 32.95
N CYS A 156 -19.40 12.42 33.03
CA CYS A 156 -19.20 10.99 33.17
C CYS A 156 -18.31 10.52 32.04
N GLU A 157 -18.49 11.13 30.88
CA GLU A 157 -17.70 10.81 29.69
C GLU A 157 -16.29 11.41 29.81
N ASP A 158 -16.21 12.55 30.48
CA ASP A 158 -14.94 13.23 30.67
C ASP A 158 -14.06 12.43 31.61
N SER A 159 -14.44 11.17 31.83
CA SER A 159 -13.70 10.25 32.68
C SER A 159 -13.10 9.23 31.73
N ALA A 160 -13.85 8.94 30.67
CA ALA A 160 -13.40 8.01 29.65
C ALA A 160 -12.16 8.62 29.05
N GLU A 161 -12.26 9.91 28.73
CA GLU A 161 -11.15 10.64 28.13
C GLU A 161 -9.97 10.88 29.08
N ILE A 162 -10.25 11.35 30.29
CA ILE A 162 -9.18 11.61 31.25
C ILE A 162 -8.48 10.33 31.69
N LEU A 163 -9.24 9.24 31.83
CA LEU A 163 -8.68 7.96 32.25
C LEU A 163 -7.90 7.24 31.17
N ASP A 164 -8.62 6.82 30.13
CA ASP A 164 -8.00 6.10 29.03
C ASP A 164 -6.92 6.91 28.29
N SER A 165 -7.05 8.24 28.31
CA SER A 165 -6.08 9.11 27.65
C SER A 165 -5.12 9.73 28.67
N ASP A 166 -4.58 8.88 29.55
CA ASP A 166 -3.63 9.31 30.59
C ASP A 166 -3.27 8.11 31.49
N ARG A 170 1.56 -3.32 42.52
CA ARG A 170 0.24 -2.78 42.87
C ARG A 170 0.31 -1.38 43.48
N PRO A 171 0.79 -0.38 42.70
CA PRO A 171 0.87 0.99 43.26
C PRO A 171 -0.52 1.46 43.66
N LEU A 172 -1.44 1.41 42.69
CA LEU A 172 -2.82 1.82 42.90
C LEU A 172 -3.70 0.84 42.10
N ASN A 173 -3.18 -0.38 41.91
CA ASN A 173 -3.87 -1.42 41.17
C ASN A 173 -4.97 -2.14 41.94
N ILE A 174 -4.97 -2.00 43.26
CA ILE A 174 -5.98 -2.66 44.07
C ILE A 174 -6.97 -1.65 44.66
N MSE A 175 -6.81 -0.38 44.32
CA MSE A 175 -7.72 0.66 44.81
C MSE A 175 -8.83 0.96 43.82
O MSE A 175 -10.00 1.08 44.19
CB MSE A 175 -6.94 1.95 45.12
CG MSE A 175 -6.15 2.51 43.94
SE MSE A 175 -5.69 4.26 44.14
CE MSE A 175 -4.49 4.15 45.49
N ILE A 176 -8.47 1.06 42.54
CA ILE A 176 -9.43 1.37 41.49
C ILE A 176 -10.45 0.26 41.16
N PRO A 177 -10.13 -1.01 41.48
CA PRO A 177 -11.08 -2.08 41.17
C PRO A 177 -12.50 -1.76 41.66
N LYS A 178 -12.58 -1.30 42.92
CA LYS A 178 -13.85 -0.95 43.53
C LYS A 178 -14.31 0.44 43.08
N PHE A 179 -14.50 0.57 41.78
CA PHE A 179 -14.90 1.85 41.18
C PHE A 179 -15.24 1.64 39.71
N LEU A 180 -14.32 0.96 39.00
CA LEU A 180 -14.49 0.67 37.59
C LEU A 180 -15.47 -0.49 37.42
N GLN A 181 -15.90 -1.04 38.54
CA GLN A 181 -16.86 -2.14 38.53
C GLN A 181 -18.24 -1.49 38.53
N PHE A 182 -18.26 -0.22 38.95
CA PHE A 182 -19.48 0.56 38.99
C PHE A 182 -20.03 0.75 37.58
N PHE A 183 -19.14 1.15 36.67
CA PHE A 183 -19.50 1.41 35.28
C PHE A 183 -20.49 0.43 34.66
N LYS A 184 -20.46 -0.84 35.09
CA LYS A 184 -21.40 -1.81 34.55
C LYS A 184 -22.82 -1.36 34.86
N HIS A 185 -22.97 -0.64 35.98
CA HIS A 185 -24.25 -0.08 36.41
C HIS A 185 -24.74 0.78 35.26
N SER A 186 -24.28 2.03 35.26
CA SER A 186 -24.61 3.01 34.25
C SER A 186 -24.58 2.35 32.88
N SER A 187 -25.64 1.62 32.56
CA SER A 187 -25.73 0.90 31.30
C SER A 187 -27.19 0.89 30.83
N PRO A 188 -28.11 0.43 31.70
CA PRO A 188 -29.51 0.41 31.27
C PRO A 188 -30.18 1.80 31.31
N LYS A 189 -29.42 2.82 31.69
CA LYS A 189 -29.91 4.21 31.74
C LYS A 189 -30.54 4.50 30.37
N ILE A 190 -31.55 5.36 30.30
CA ILE A 190 -32.17 5.66 29.01
C ILE A 190 -31.34 6.62 28.16
N ARG A 191 -30.53 7.44 28.83
CA ARG A 191 -29.67 8.42 28.16
C ARG A 191 -28.70 7.78 27.17
N SER A 192 -28.38 8.50 26.11
CA SER A 192 -27.44 8.02 25.10
C SER A 192 -26.06 7.98 25.73
N HIS A 193 -25.49 9.17 25.92
CA HIS A 193 -24.17 9.32 26.51
C HIS A 193 -24.09 8.41 27.73
N ALA A 194 -24.90 8.71 28.73
CA ALA A 194 -24.94 7.92 29.96
C ALA A 194 -24.90 6.42 29.69
N VAL A 195 -25.35 5.98 28.52
CA VAL A 195 -25.29 4.55 28.21
C VAL A 195 -23.94 4.25 27.56
N ALA A 196 -23.77 4.68 26.32
CA ALA A 196 -22.53 4.45 25.60
C ALA A 196 -21.34 5.15 26.24
N CYS A 197 -21.37 6.48 26.30
CA CYS A 197 -20.28 7.28 26.89
C CYS A 197 -19.55 6.54 27.98
N VAL A 198 -20.30 5.77 28.75
CA VAL A 198 -19.73 4.99 29.83
C VAL A 198 -19.31 3.65 29.21
N ASN A 199 -20.28 2.94 28.63
CA ASN A 199 -20.07 1.63 28.02
C ASN A 199 -18.80 1.35 27.21
N GLN A 200 -18.75 1.81 25.96
CA GLN A 200 -17.56 1.56 25.15
C GLN A 200 -16.31 1.80 25.98
N PHE A 201 -16.44 2.73 26.93
CA PHE A 201 -15.34 3.10 27.82
C PHE A 201 -15.14 2.06 28.92
N ILE A 202 -16.21 1.34 29.25
CA ILE A 202 -16.16 0.29 30.26
C ILE A 202 -15.74 -0.97 29.49
N ILE A 203 -14.97 -0.77 28.43
CA ILE A 203 -14.51 -1.89 27.62
C ILE A 203 -13.07 -1.71 27.14
N SER A 204 -12.52 -0.50 27.36
CA SER A 204 -11.13 -0.22 27.01
C SER A 204 -10.32 -0.93 28.09
N ARG A 205 -10.01 -2.20 27.85
CA ARG A 205 -9.29 -3.05 28.81
C ARG A 205 -7.89 -3.48 28.38
N THR A 206 -6.99 -3.61 29.37
CA THR A 206 -5.61 -4.03 29.13
C THR A 206 -5.13 -4.98 30.26
N GLN A 207 -4.20 -4.49 31.07
CA GLN A 207 -3.62 -5.25 32.18
C GLN A 207 -3.56 -4.41 33.45
N ALA A 208 -3.68 -3.09 33.28
CA ALA A 208 -3.62 -2.13 34.41
C ALA A 208 -4.55 -2.48 35.56
N LEU A 209 -5.50 -3.38 35.29
CA LEU A 209 -6.45 -3.83 36.30
C LEU A 209 -7.40 -4.86 35.70
N MSE A 210 -6.85 -5.72 34.86
CA MSE A 210 -7.58 -6.78 34.19
C MSE A 210 -8.25 -7.74 35.20
O MSE A 210 -7.99 -8.95 35.19
CB MSE A 210 -6.62 -7.55 33.28
CG MSE A 210 -7.15 -8.84 32.66
SE MSE A 210 -8.50 -8.58 31.51
CE MSE A 210 -7.58 -8.19 30.01
N LEU A 211 -9.10 -7.21 36.06
CA LEU A 211 -9.77 -8.03 37.07
C LEU A 211 -11.23 -8.27 36.71
N HIS A 212 -12.10 -7.42 37.26
CA HIS A 212 -13.53 -7.46 37.06
C HIS A 212 -13.90 -7.88 35.63
N ILE A 213 -12.99 -7.61 34.72
CA ILE A 213 -13.17 -7.92 33.31
C ILE A 213 -13.62 -9.34 32.98
N ASP A 214 -12.64 -10.22 32.77
CA ASP A 214 -12.89 -11.62 32.42
C ASP A 214 -13.97 -12.32 33.25
N SER A 215 -14.02 -11.99 34.54
CA SER A 215 -15.01 -12.57 35.44
C SER A 215 -16.45 -12.24 35.03
N PHE A 216 -16.61 -11.18 34.25
CA PHE A 216 -17.92 -10.75 33.79
C PHE A 216 -18.42 -11.56 32.58
N THR A 217 -19.40 -12.42 32.84
CA THR A 217 -20.01 -13.23 31.78
C THR A 217 -21.41 -12.65 31.67
N GLU A 218 -21.68 -11.72 32.59
CA GLU A 218 -22.95 -11.02 32.66
C GLU A 218 -22.88 -9.81 31.74
N ASN A 219 -21.72 -9.15 31.69
CA ASN A 219 -21.57 -7.99 30.81
C ASN A 219 -21.49 -8.51 29.38
N LEU A 220 -21.73 -9.81 29.23
CA LEU A 220 -21.73 -10.46 27.92
C LEU A 220 -23.18 -10.51 27.44
N PHE A 221 -24.07 -10.97 28.32
CA PHE A 221 -25.50 -11.07 28.01
C PHE A 221 -26.20 -9.77 28.42
N ALA A 222 -25.59 -9.02 29.33
CA ALA A 222 -26.13 -7.73 29.78
C ALA A 222 -25.81 -6.79 28.62
N LEU A 223 -25.22 -7.38 27.60
CA LEU A 223 -24.84 -6.68 26.38
C LEU A 223 -25.24 -7.53 25.18
N ALA A 224 -25.31 -8.85 25.36
CA ALA A 224 -25.71 -9.74 24.27
C ALA A 224 -27.17 -9.45 23.92
N GLY A 225 -27.74 -8.51 24.65
CA GLY A 225 -29.12 -8.08 24.45
C GLY A 225 -29.16 -6.56 24.46
N ASP A 226 -28.05 -5.97 24.89
CA ASP A 226 -27.89 -4.53 24.96
C ASP A 226 -27.85 -4.01 23.52
N GLU A 227 -29.00 -4.07 22.84
CA GLU A 227 -29.07 -3.63 21.46
C GLU A 227 -28.87 -2.11 21.41
N GLU A 228 -29.39 -1.46 20.37
CA GLU A 228 -29.23 -0.02 20.23
C GLU A 228 -29.88 0.78 21.34
N PRO A 229 -29.13 1.06 22.42
CA PRO A 229 -29.73 1.83 23.51
C PRO A 229 -30.11 3.15 22.88
N GLU A 230 -29.43 3.44 21.76
CA GLU A 230 -29.62 4.65 20.96
C GLU A 230 -29.31 4.24 19.51
N VAL A 231 -28.05 4.42 19.10
CA VAL A 231 -27.58 4.05 17.76
C VAL A 231 -26.05 4.16 17.67
N ARG A 232 -25.53 5.35 17.90
CA ARG A 232 -24.09 5.60 17.85
C ARG A 232 -23.36 4.93 19.02
N LYS A 233 -24.02 3.94 19.62
CA LYS A 233 -23.44 3.21 20.73
C LYS A 233 -23.43 1.73 20.39
N ASN A 234 -24.60 1.20 20.07
CA ASN A 234 -24.71 -0.22 19.73
C ASN A 234 -23.63 -0.61 18.73
N VAL A 235 -23.01 0.41 18.14
CA VAL A 235 -21.94 0.20 17.17
C VAL A 235 -20.63 -0.01 17.94
N CYS A 236 -20.35 0.89 18.89
CA CYS A 236 -19.12 0.79 19.68
C CYS A 236 -19.22 -0.38 20.66
N ARG A 237 -20.38 -1.00 20.69
CA ARG A 237 -20.60 -2.17 21.54
C ARG A 237 -20.26 -3.36 20.64
N ALA A 238 -20.86 -3.37 19.45
CA ALA A 238 -20.61 -4.42 18.47
C ALA A 238 -19.18 -4.28 17.99
N LEU A 239 -18.43 -3.42 18.68
CA LEU A 239 -17.03 -3.15 18.41
C LEU A 239 -16.16 -3.90 19.39
N VAL A 240 -16.70 -4.22 20.55
CA VAL A 240 -15.89 -4.88 21.55
C VAL A 240 -15.94 -6.40 21.61
N MSE A 241 -17.10 -7.00 21.38
CA MSE A 241 -17.17 -8.47 21.44
C MSE A 241 -16.18 -9.05 20.43
O MSE A 241 -15.34 -9.88 20.77
CB MSE A 241 -18.60 -8.99 21.19
CG MSE A 241 -19.06 -9.09 19.74
SE MSE A 241 -19.56 -7.54 18.96
CE MSE A 241 -21.31 -7.47 19.47
N LEU A 242 -16.28 -8.59 19.19
CA LEU A 242 -15.35 -9.05 18.16
C LEU A 242 -14.13 -8.12 18.25
N LEU A 243 -13.62 -7.99 19.48
CA LEU A 243 -12.44 -7.19 19.84
C LEU A 243 -11.84 -7.85 21.09
N GLU A 244 -11.09 -8.93 20.88
CA GLU A 244 -10.47 -9.68 21.96
C GLU A 244 -9.48 -10.76 21.51
N VAL A 245 -8.65 -11.24 22.45
CA VAL A 245 -7.67 -12.27 22.13
C VAL A 245 -7.85 -13.49 23.06
N ARG A 246 -8.03 -13.22 24.36
CA ARG A 246 -8.23 -14.28 25.35
C ARG A 246 -9.68 -14.75 25.31
N MET A 247 -10.02 -15.44 24.22
CA MET A 247 -11.37 -15.94 23.99
C MET A 247 -11.72 -17.18 24.80
N ASP A 248 -11.25 -17.25 26.04
CA ASP A 248 -11.55 -18.39 26.91
C ASP A 248 -13.01 -18.34 27.40
N ARG A 249 -13.49 -17.12 27.63
CA ARG A 249 -14.85 -16.88 28.11
C ARG A 249 -15.87 -16.75 26.99
N LEU A 250 -15.41 -16.58 25.76
CA LEU A 250 -16.31 -16.48 24.62
C LEU A 250 -16.69 -17.89 24.24
N LEU A 251 -15.73 -18.80 24.35
CA LEU A 251 -15.93 -20.20 24.04
C LEU A 251 -17.34 -20.62 24.49
N PRO A 252 -17.73 -20.23 25.73
CA PRO A 252 -19.07 -20.56 26.27
C PRO A 252 -20.19 -19.94 25.40
N HIS A 253 -20.64 -18.74 25.77
CA HIS A 253 -21.67 -18.04 25.02
C HIS A 253 -21.05 -17.68 23.68
N MSE A 254 -21.02 -18.64 22.76
CA MSE A 254 -20.41 -18.42 21.46
C MSE A 254 -21.30 -18.79 20.29
O MSE A 254 -21.16 -18.22 19.20
CB MSE A 254 -19.11 -19.21 21.38
CG MSE A 254 -18.20 -18.83 20.20
SE MSE A 254 -17.46 -17.17 20.36
CE MSE A 254 -18.70 -16.18 19.49
N HIS A 255 -22.21 -19.73 20.49
CA HIS A 255 -23.11 -20.13 19.41
C HIS A 255 -24.32 -19.20 19.37
N ASN A 256 -24.24 -18.12 20.15
CA ASN A 256 -25.30 -17.11 20.17
C ASN A 256 -24.68 -15.80 19.68
N ILE A 257 -23.45 -15.53 20.12
CA ILE A 257 -22.74 -14.31 19.68
C ILE A 257 -22.72 -14.31 18.17
N VAL A 258 -22.52 -15.47 17.57
CA VAL A 258 -22.49 -15.61 16.11
C VAL A 258 -23.88 -15.40 15.49
N GLU A 259 -24.92 -15.61 16.29
CA GLU A 259 -26.29 -15.44 15.83
C GLU A 259 -26.76 -14.00 16.06
N TYR A 260 -26.37 -13.46 17.19
CA TYR A 260 -26.72 -12.08 17.53
C TYR A 260 -25.60 -11.20 16.98
N MSE A 261 -25.08 -11.59 15.82
CA MSE A 261 -24.01 -10.85 15.16
C MSE A 261 -24.19 -10.92 13.66
O MSE A 261 -24.11 -9.91 12.99
CB MSE A 261 -22.65 -11.41 15.52
CG MSE A 261 -21.55 -10.39 15.36
SE MSE A 261 -21.97 -8.87 16.25
CE MSE A 261 -22.26 -7.74 14.87
N LEU A 262 -24.43 -12.12 13.15
CA LEU A 262 -24.63 -12.31 11.72
C LEU A 262 -25.84 -11.48 11.27
N GLN A 263 -26.41 -10.72 12.21
CA GLN A 263 -27.54 -9.86 11.92
C GLN A 263 -27.27 -8.43 12.39
N ARG A 264 -26.39 -8.28 13.38
CA ARG A 264 -26.04 -6.95 13.89
C ARG A 264 -25.11 -6.29 12.89
N THR A 265 -24.69 -7.07 11.89
CA THR A 265 -23.82 -6.58 10.82
C THR A 265 -24.81 -6.23 9.71
N GLN A 266 -26.06 -6.63 9.92
CA GLN A 266 -27.12 -6.38 8.96
C GLN A 266 -27.89 -5.08 9.23
N ASP A 267 -27.94 -4.64 10.50
CA ASP A 267 -28.67 -3.43 10.88
C ASP A 267 -28.47 -2.29 9.90
N GLN A 268 -29.56 -1.91 9.23
CA GLN A 268 -29.59 -0.85 8.23
C GLN A 268 -28.58 0.31 8.31
N ASP A 269 -28.24 0.77 9.51
CA ASP A 269 -27.27 1.85 9.61
C ASP A 269 -25.91 1.34 9.18
N GLU A 270 -25.51 1.73 7.96
CA GLU A 270 -24.25 1.30 7.36
C GLU A 270 -23.04 1.41 8.31
N ASN A 271 -22.87 2.57 8.94
CA ASN A 271 -21.75 2.75 9.85
C ASN A 271 -21.59 1.62 10.87
N VAL A 272 -22.71 1.07 11.32
CA VAL A 272 -22.70 -0.01 12.30
C VAL A 272 -22.17 -1.28 11.64
N ALA A 273 -22.89 -1.78 10.65
CA ALA A 273 -22.53 -2.98 9.91
C ALA A 273 -21.03 -3.09 9.64
N LEU A 274 -20.37 -1.96 9.39
CA LEU A 274 -18.94 -1.98 9.13
C LEU A 274 -18.16 -2.29 10.40
N GLU A 275 -18.56 -1.67 11.50
CA GLU A 275 -17.90 -1.91 12.78
C GLU A 275 -18.16 -3.35 13.21
N ALA A 276 -19.23 -3.93 12.67
CA ALA A 276 -19.61 -5.31 12.97
C ALA A 276 -18.90 -6.26 11.99
N CYS A 277 -19.46 -6.39 10.79
CA CYS A 277 -18.88 -7.25 9.75
C CYS A 277 -17.36 -7.27 9.82
N GLU A 278 -16.74 -6.10 9.75
CA GLU A 278 -15.29 -5.99 9.82
C GLU A 278 -14.82 -6.74 11.07
N PHE A 279 -14.98 -6.09 12.22
CA PHE A 279 -14.58 -6.66 13.49
C PHE A 279 -15.06 -8.10 13.70
N TRP A 280 -16.06 -8.53 12.92
CA TRP A 280 -16.60 -9.87 13.06
C TRP A 280 -15.76 -10.94 12.39
N LEU A 281 -15.86 -11.04 11.07
CA LEU A 281 -15.09 -12.04 10.35
C LEU A 281 -13.57 -11.79 10.50
N THR A 282 -13.10 -12.04 11.71
CA THR A 282 -11.69 -11.90 12.09
C THR A 282 -11.35 -13.31 12.54
N LEU A 283 -11.52 -14.24 11.59
CA LEU A 283 -11.28 -15.66 11.79
C LEU A 283 -9.79 -15.99 12.00
N ALA A 284 -9.32 -15.85 13.24
CA ALA A 284 -7.94 -16.14 13.57
C ALA A 284 -7.66 -17.65 13.45
N GLU A 285 -7.18 -18.26 14.54
CA GLU A 285 -6.84 -19.69 14.52
C GLU A 285 -8.02 -20.66 14.40
N GLN A 286 -7.71 -21.82 13.81
CA GLN A 286 -8.65 -22.92 13.58
C GLN A 286 -9.98 -22.98 14.37
N PRO A 287 -9.91 -22.99 15.72
CA PRO A 287 -11.14 -23.05 16.52
C PRO A 287 -12.22 -22.13 15.99
N ILE A 288 -11.79 -21.12 15.25
CA ILE A 288 -12.69 -20.13 14.69
C ILE A 288 -13.38 -20.65 13.42
N CYS A 289 -13.23 -21.95 13.16
CA CYS A 289 -13.86 -22.53 11.99
C CYS A 289 -14.62 -23.79 12.36
N LYS A 290 -14.55 -24.17 13.62
CA LYS A 290 -15.25 -25.37 14.11
C LYS A 290 -16.72 -24.97 14.09
N ASP A 291 -16.92 -23.69 14.31
CA ASP A 291 -18.22 -23.03 14.37
C ASP A 291 -18.71 -22.69 12.97
N VAL A 292 -17.80 -22.17 12.16
CA VAL A 292 -18.11 -21.80 10.78
C VAL A 292 -18.67 -23.02 10.05
N LEU A 293 -18.48 -24.21 10.63
CA LEU A 293 -18.98 -25.44 10.01
C LEU A 293 -20.50 -25.36 9.91
N VAL A 294 -21.17 -25.15 11.03
CA VAL A 294 -22.63 -25.04 11.08
C VAL A 294 -23.02 -23.73 10.40
N ARG A 295 -22.03 -22.85 10.24
CA ARG A 295 -22.24 -21.52 9.65
C ARG A 295 -22.07 -21.44 8.14
N HIS A 296 -22.10 -22.58 7.44
CA HIS A 296 -21.94 -22.58 5.98
C HIS A 296 -23.10 -21.83 5.33
N LEU A 297 -24.33 -22.14 5.72
CA LEU A 297 -25.47 -21.44 5.16
C LEU A 297 -25.80 -20.18 5.96
N PRO A 298 -25.36 -20.14 7.23
CA PRO A 298 -25.60 -19.00 8.11
C PRO A 298 -24.80 -17.71 7.82
N LYS A 299 -24.34 -17.52 6.58
CA LYS A 299 -23.56 -16.33 6.26
C LYS A 299 -23.23 -16.14 4.79
N LEU A 300 -23.33 -17.20 4.01
CA LEU A 300 -23.01 -17.11 2.59
C LEU A 300 -24.19 -16.64 1.77
N ILE A 301 -25.10 -15.95 2.42
CA ILE A 301 -26.27 -15.38 1.76
C ILE A 301 -26.21 -13.88 2.04
N PRO A 302 -25.90 -13.49 3.30
CA PRO A 302 -25.80 -12.08 3.73
C PRO A 302 -24.58 -11.38 3.14
N VAL A 303 -23.42 -12.00 3.33
CA VAL A 303 -22.17 -11.45 2.79
C VAL A 303 -22.39 -11.34 1.29
N LEU A 304 -22.68 -12.47 0.64
CA LEU A 304 -22.93 -12.45 -0.80
C LEU A 304 -23.82 -11.25 -1.09
N VAL A 305 -24.85 -11.06 -0.26
CA VAL A 305 -25.75 -9.93 -0.44
C VAL A 305 -25.21 -8.75 0.38
N ASN A 306 -24.08 -8.26 -0.10
CA ASN A 306 -23.32 -7.13 0.43
C ASN A 306 -22.31 -6.88 -0.68
N GLY A 307 -22.00 -7.97 -1.38
CA GLY A 307 -21.09 -7.95 -2.49
C GLY A 307 -21.60 -7.06 -3.61
N MSE A 308 -22.64 -6.28 -3.32
CA MSE A 308 -23.16 -5.36 -4.31
C MSE A 308 -22.90 -3.95 -3.80
O MSE A 308 -22.82 -3.71 -2.59
CB MSE A 308 -24.65 -5.57 -4.58
CG MSE A 308 -25.51 -5.56 -3.35
SE MSE A 308 -25.96 -7.23 -2.85
CE MSE A 308 -27.33 -7.56 -4.04
N LYS A 309 -22.78 -3.02 -4.74
CA LYS A 309 -22.51 -1.62 -4.45
C LYS A 309 -23.73 -0.91 -3.91
N TYR A 310 -23.45 0.07 -3.05
CA TYR A 310 -24.47 0.90 -2.42
C TYR A 310 -25.19 1.76 -3.47
N SER A 311 -26.17 2.50 -3.07
CA SER A 311 -26.87 3.33 -4.02
C SER A 311 -26.01 4.55 -4.30
N ASP A 312 -25.13 4.86 -3.35
CA ASP A 312 -24.22 5.99 -3.45
C ASP A 312 -22.81 5.62 -3.89
N ILE A 313 -22.27 4.52 -3.37
CA ILE A 313 -20.94 4.10 -3.80
C ILE A 313 -21.18 3.81 -5.27
N ASP A 314 -22.45 3.69 -5.61
CA ASP A 314 -22.86 3.47 -6.98
C ASP A 314 -22.94 4.80 -7.67
N ILE A 315 -23.28 5.84 -6.91
CA ILE A 315 -23.35 7.20 -7.45
C ILE A 315 -21.94 7.70 -7.79
N ILE A 316 -21.12 7.67 -6.75
CA ILE A 316 -19.72 8.11 -6.78
C ILE A 316 -18.94 7.43 -7.90
N LEU A 317 -19.45 6.29 -8.32
CA LEU A 317 -18.82 5.48 -9.38
C LEU A 317 -19.37 5.89 -10.75
N LEU A 318 -20.63 5.57 -10.96
CA LEU A 318 -21.34 5.85 -12.22
C LEU A 318 -20.74 7.08 -12.91
N LYS A 319 -20.24 7.98 -12.07
CA LYS A 319 -19.62 9.23 -12.53
C LYS A 319 -18.91 8.99 -13.86
N GLY A 320 -17.72 8.42 -13.75
CA GLY A 320 -16.88 8.09 -14.90
C GLY A 320 -17.09 6.63 -15.29
N ASP A 321 -18.36 6.27 -15.33
CA ASP A 321 -18.81 4.90 -15.67
C ASP A 321 -19.46 4.89 -17.06
N VAL A 322 -20.45 5.74 -17.20
CA VAL A 322 -21.22 5.89 -18.45
C VAL A 322 -20.25 5.91 -19.64
N GLU A 323 -20.21 4.78 -20.33
CA GLU A 323 -19.33 4.61 -21.50
C GLU A 323 -19.47 5.80 -22.44
N GLU A 324 -18.65 6.75 -22.15
CA GLU A 324 -18.55 8.02 -22.86
C GLU A 324 -17.67 9.01 -22.09
N ASP A 325 -16.44 8.57 -22.02
CA ASP A 325 -15.36 9.27 -21.33
C ASP A 325 -14.04 8.85 -21.97
N GLU A 326 -14.20 7.91 -22.88
CA GLU A 326 -13.11 7.32 -23.66
C GLU A 326 -12.46 8.38 -24.54
N THR A 327 -13.03 9.57 -24.48
CA THR A 327 -12.57 10.72 -25.26
C THR A 327 -12.30 11.92 -24.34
N ILE A 328 -12.42 11.68 -23.05
CA ILE A 328 -12.19 12.70 -22.03
C ILE A 328 -10.75 12.62 -21.52
N PRO A 329 -9.95 13.68 -21.63
CA PRO A 329 -8.57 13.65 -21.18
C PRO A 329 -8.51 13.34 -19.71
N ASP A 330 -7.44 12.64 -19.35
CA ASP A 330 -7.16 12.23 -17.96
C ASP A 330 -6.37 13.31 -17.23
N SER A 331 -6.93 13.74 -16.10
CA SER A 331 -6.33 14.79 -15.26
C SER A 331 -4.95 14.35 -14.77
N GLU A 332 -4.10 15.35 -14.58
CA GLU A 332 -2.72 15.17 -14.12
C GLU A 332 -2.69 14.80 -12.64
N GLN A 333 -3.82 15.03 -11.99
CA GLN A 333 -4.00 14.75 -10.56
C GLN A 333 -4.52 13.33 -10.35
N ASP A 334 -4.54 12.58 -11.44
CA ASP A 334 -5.02 11.19 -11.44
C ASP A 334 -3.91 10.23 -11.86
N ILE A 335 -2.73 10.80 -12.01
CA ILE A 335 -1.52 10.04 -12.39
C ILE A 335 -0.68 9.75 -11.14
N ARG A 336 -0.98 8.62 -10.51
CA ARG A 336 -0.28 8.18 -9.33
C ARG A 336 1.19 8.04 -9.68
N PRO A 337 2.09 8.58 -8.84
CA PRO A 337 3.52 8.47 -9.12
C PRO A 337 3.98 7.06 -9.35
N ARG A 338 4.84 6.90 -10.36
CA ARG A 338 5.38 5.61 -10.75
C ARG A 338 6.90 5.66 -10.81
N PHE A 339 7.55 4.55 -10.48
CA PHE A 339 9.00 4.53 -10.51
C PHE A 339 9.56 3.39 -11.33
N HIS A 340 10.88 3.29 -11.33
CA HIS A 340 11.52 2.23 -12.05
C HIS A 340 12.37 1.46 -11.07
N ARG A 341 12.20 0.15 -11.06
CA ARG A 341 12.94 -0.73 -10.17
C ARG A 341 14.04 -1.41 -10.98
N SER A 342 15.27 -1.27 -10.51
CA SER A 342 16.42 -1.86 -11.19
C SER A 342 16.22 -3.35 -11.44
N ARG A 343 16.42 -3.80 -12.68
CA ARG A 343 16.22 -5.21 -12.95
C ARG A 343 17.08 -6.13 -12.08
N THR A 344 16.49 -7.26 -11.69
CA THR A 344 17.20 -8.24 -10.88
C THR A 344 17.33 -9.51 -11.72
N VAL A 345 18.56 -9.93 -12.01
CA VAL A 345 18.77 -11.14 -12.81
C VAL A 345 18.35 -12.36 -12.01
N ALA A 346 17.33 -13.07 -12.51
CA ALA A 346 16.79 -14.24 -11.85
C ALA A 346 16.68 -15.50 -12.71
N GLN A 347 16.10 -16.55 -12.15
CA GLN A 347 15.91 -17.81 -12.84
C GLN A 347 14.42 -18.11 -12.92
N GLN A 348 14.08 -19.20 -13.61
CA GLN A 348 12.68 -19.61 -13.76
C GLN A 348 12.46 -20.96 -13.07
N HIS A 349 11.22 -21.22 -12.66
CA HIS A 349 10.89 -22.46 -11.97
C HIS A 349 9.60 -23.06 -12.54
N ASP A 350 9.62 -23.44 -13.80
CA ASP A 350 8.44 -24.01 -14.46
C ASP A 350 7.31 -22.99 -14.48
N GLU A 351 6.08 -23.49 -14.24
CA GLU A 351 4.87 -22.68 -14.22
C GLU A 351 4.67 -22.09 -12.81
N ASP A 352 5.74 -22.11 -12.02
CA ASP A 352 5.72 -21.64 -10.65
C ASP A 352 6.59 -20.39 -10.49
N ASP A 358 5.32 -12.60 -7.92
CA ASP A 358 3.86 -12.71 -8.02
C ASP A 358 3.17 -12.27 -6.73
N ASP A 359 2.97 -13.22 -5.82
CA ASP A 359 2.31 -12.93 -4.56
C ASP A 359 3.19 -12.05 -3.67
N ASP A 360 4.50 -12.20 -3.82
CA ASP A 360 5.46 -11.43 -3.04
C ASP A 360 5.90 -10.17 -3.80
N ASP A 361 5.12 -9.80 -4.81
CA ASP A 361 5.40 -8.62 -5.64
C ASP A 361 4.12 -7.80 -5.86
N ASP A 362 3.00 -8.50 -6.05
CA ASP A 362 1.70 -7.86 -6.28
C ASP A 362 1.01 -7.36 -5.01
N GLU A 363 1.40 -7.89 -3.86
CA GLU A 363 0.82 -7.46 -2.58
C GLU A 363 1.57 -6.23 -2.04
N ILE A 364 2.61 -5.83 -2.77
CA ILE A 364 3.41 -4.65 -2.40
C ILE A 364 2.76 -3.43 -3.05
N ASP A 365 1.55 -3.63 -3.60
CA ASP A 365 0.83 -2.55 -4.28
C ASP A 365 -0.67 -2.50 -3.97
N ASP A 366 -0.99 -2.24 -2.71
CA ASP A 366 -2.38 -2.10 -2.24
C ASP A 366 -2.61 -0.61 -2.04
N ASP A 367 -2.38 0.14 -3.12
CA ASP A 367 -2.47 1.61 -3.16
C ASP A 367 -3.87 2.24 -3.29
N ASP A 368 -4.90 1.43 -3.51
CA ASP A 368 -6.26 1.92 -3.64
C ASP A 368 -7.13 1.50 -2.48
N THR A 369 -7.50 0.22 -2.48
CA THR A 369 -8.34 -0.38 -1.44
C THR A 369 -8.22 0.30 -0.07
N ILE A 370 -7.03 0.78 0.26
CA ILE A 370 -6.77 1.43 1.52
C ILE A 370 -7.60 2.72 1.74
N SER A 371 -8.33 3.15 0.72
CA SER A 371 -9.14 4.36 0.83
C SER A 371 -10.64 4.07 1.00
N ASP A 372 -11.24 3.48 -0.04
CA ASP A 372 -12.67 3.14 -0.01
C ASP A 372 -12.90 1.88 0.83
N TRP A 373 -13.23 2.09 2.11
CA TRP A 373 -13.45 1.03 3.08
C TRP A 373 -14.92 0.78 3.41
N ASN A 374 -15.78 0.77 2.41
CA ASN A 374 -17.18 0.52 2.67
C ASN A 374 -17.34 -0.94 3.11
N LEU A 375 -18.56 -1.47 3.08
CA LEU A 375 -18.81 -2.87 3.45
C LEU A 375 -18.38 -3.83 2.35
N ARG A 376 -18.68 -3.49 1.11
CA ARG A 376 -18.32 -4.32 -0.04
C ARG A 376 -16.86 -4.74 0.11
N LYS A 377 -15.98 -3.77 0.38
CA LYS A 377 -14.56 -4.06 0.59
C LYS A 377 -14.39 -4.64 2.00
N CYS A 378 -15.25 -5.61 2.30
CA CYS A 378 -15.23 -6.31 3.58
C CYS A 378 -16.10 -7.55 3.54
N SER A 379 -17.02 -7.62 2.58
CA SER A 379 -17.86 -8.80 2.44
C SER A 379 -16.84 -9.79 1.87
N ALA A 380 -16.30 -9.43 0.72
CA ALA A 380 -15.31 -10.25 0.09
C ALA A 380 -14.00 -10.11 0.87
N ALA A 381 -13.77 -8.92 1.45
CA ALA A 381 -12.53 -8.66 2.21
C ALA A 381 -12.38 -9.51 3.48
N ALA A 382 -13.51 -9.98 3.99
CA ALA A 382 -13.50 -10.83 5.17
C ALA A 382 -13.69 -12.24 4.61
N LEU A 383 -14.34 -12.33 3.46
CA LEU A 383 -14.57 -13.60 2.79
C LEU A 383 -13.19 -14.15 2.40
N ASP A 384 -12.16 -13.38 2.74
CA ASP A 384 -10.76 -13.74 2.49
C ASP A 384 -10.33 -14.70 3.59
N VAL A 385 -11.02 -15.82 3.68
CA VAL A 385 -10.72 -16.81 4.70
C VAL A 385 -11.22 -18.14 4.17
N LEU A 386 -12.29 -18.07 3.38
CA LEU A 386 -12.91 -19.24 2.78
C LEU A 386 -12.07 -19.78 1.61
N ALA A 387 -10.76 -19.83 1.85
CA ALA A 387 -9.77 -20.31 0.89
C ALA A 387 -8.42 -20.08 1.56
N ASN A 388 -8.47 -19.64 2.82
CA ASN A 388 -7.29 -19.37 3.63
C ASN A 388 -7.39 -20.19 4.92
N VAL A 389 -8.62 -20.36 5.42
CA VAL A 389 -8.87 -21.14 6.62
C VAL A 389 -9.43 -22.50 6.16
N TYR A 390 -10.35 -22.46 5.21
CA TYR A 390 -10.94 -23.68 4.66
C TYR A 390 -11.02 -23.58 3.16
N ARG A 391 -11.58 -24.59 2.51
CA ARG A 391 -11.67 -24.60 1.05
C ARG A 391 -12.83 -25.44 0.54
N ASP A 392 -13.30 -25.11 -0.67
CA ASP A 392 -14.38 -25.82 -1.33
C ASP A 392 -15.52 -26.24 -0.41
N GLU A 393 -15.51 -25.69 0.80
CA GLU A 393 -16.51 -25.97 1.80
C GLU A 393 -17.79 -25.27 1.41
N LEU A 394 -17.61 -24.10 0.79
CA LEU A 394 -18.71 -23.27 0.37
C LEU A 394 -19.33 -23.67 -0.97
N LEU A 395 -18.55 -24.35 -1.81
CA LEU A 395 -19.02 -24.77 -3.13
C LEU A 395 -20.50 -25.15 -3.11
N PRO A 396 -20.87 -26.12 -2.26
CA PRO A 396 -22.26 -26.57 -2.17
C PRO A 396 -23.18 -25.47 -1.61
N HIS A 397 -24.33 -25.30 -2.25
CA HIS A 397 -25.34 -24.31 -1.87
C HIS A 397 -25.10 -22.93 -2.51
N ILE A 398 -23.85 -22.58 -2.78
CA ILE A 398 -23.57 -21.29 -3.37
C ILE A 398 -23.95 -21.22 -4.84
N LEU A 399 -23.99 -22.36 -5.52
CA LEU A 399 -24.35 -22.37 -6.94
C LEU A 399 -25.67 -21.65 -7.20
N PRO A 400 -26.79 -22.14 -6.62
CA PRO A 400 -28.10 -21.51 -6.82
C PRO A 400 -28.07 -20.00 -6.56
N LEU A 401 -27.28 -19.61 -5.57
CA LEU A 401 -27.14 -18.20 -5.26
C LEU A 401 -26.63 -17.59 -6.54
N LEU A 402 -25.45 -18.04 -6.94
CA LEU A 402 -24.77 -17.57 -8.15
C LEU A 402 -25.34 -18.11 -9.47
N LYS A 403 -26.42 -18.90 -9.40
CA LYS A 403 -27.01 -19.45 -10.62
C LYS A 403 -28.09 -18.47 -11.11
N GLU A 404 -28.86 -17.96 -10.16
CA GLU A 404 -29.91 -16.99 -10.47
C GLU A 404 -29.21 -15.65 -10.57
N LEU A 405 -28.42 -15.33 -9.55
CA LEU A 405 -27.65 -14.09 -9.50
C LEU A 405 -27.16 -13.71 -10.90
N LEU A 406 -26.66 -14.70 -11.64
CA LEU A 406 -26.14 -14.45 -12.98
C LEU A 406 -27.16 -14.10 -14.07
N PHE A 407 -28.25 -13.45 -13.66
CA PHE A 407 -29.30 -13.00 -14.57
C PHE A 407 -30.46 -12.35 -13.82
N HIS A 408 -30.57 -12.69 -12.54
CA HIS A 408 -31.61 -12.17 -11.67
C HIS A 408 -31.56 -10.65 -11.53
N HIS A 409 -32.71 -10.00 -11.76
CA HIS A 409 -32.82 -8.55 -11.64
C HIS A 409 -31.90 -7.85 -12.65
N GLU A 410 -31.51 -6.62 -12.36
CA GLU A 410 -30.62 -5.87 -13.22
C GLU A 410 -29.17 -6.10 -12.77
N TRP A 411 -28.30 -5.14 -13.10
CA TRP A 411 -26.91 -5.31 -12.77
C TRP A 411 -26.52 -5.54 -11.32
N VAL A 412 -26.78 -4.56 -10.46
CA VAL A 412 -26.40 -4.65 -9.06
C VAL A 412 -26.20 -6.06 -8.51
N VAL A 413 -27.11 -6.96 -8.87
CA VAL A 413 -27.02 -8.34 -8.40
C VAL A 413 -26.15 -9.19 -9.31
N LYS A 414 -26.43 -9.16 -10.62
CA LYS A 414 -25.63 -9.94 -11.55
C LYS A 414 -24.17 -9.68 -11.24
N GLU A 415 -23.84 -8.42 -11.03
CA GLU A 415 -22.49 -8.01 -10.70
C GLU A 415 -22.03 -8.71 -9.42
N SER A 416 -22.85 -8.64 -8.38
CA SER A 416 -22.48 -9.27 -7.10
C SER A 416 -22.16 -10.74 -7.32
N GLY A 417 -22.72 -11.30 -8.39
CA GLY A 417 -22.47 -12.70 -8.69
C GLY A 417 -21.13 -12.83 -9.39
N ILE A 418 -21.03 -12.20 -10.55
CA ILE A 418 -19.81 -12.23 -11.34
C ILE A 418 -18.63 -11.87 -10.44
N LEU A 419 -18.89 -11.14 -9.35
CA LEU A 419 -17.81 -10.80 -8.44
C LEU A 419 -17.44 -12.02 -7.62
N VAL A 420 -18.35 -12.42 -6.72
CA VAL A 420 -18.15 -13.57 -5.84
C VAL A 420 -17.42 -14.71 -6.54
N LEU A 421 -17.89 -15.04 -7.75
CA LEU A 421 -17.30 -16.08 -8.58
C LEU A 421 -15.78 -15.94 -8.54
N GLY A 422 -15.28 -14.87 -9.15
CA GLY A 422 -13.84 -14.63 -9.15
C GLY A 422 -13.35 -14.43 -7.73
N ALA A 423 -14.24 -13.98 -6.85
CA ALA A 423 -13.88 -13.73 -5.48
C ALA A 423 -13.41 -14.99 -4.76
N ILE A 424 -13.81 -16.15 -5.27
CA ILE A 424 -13.44 -17.42 -4.64
C ILE A 424 -12.41 -18.32 -5.31
N ALA A 425 -12.37 -18.32 -6.64
CA ALA A 425 -11.44 -19.15 -7.40
C ALA A 425 -10.03 -19.41 -6.83
N GLU A 426 -9.47 -18.48 -6.05
CA GLU A 426 -8.13 -18.69 -5.47
C GLU A 426 -8.21 -19.41 -4.13
N GLY A 427 -8.80 -20.60 -4.12
CA GLY A 427 -8.94 -21.37 -2.90
C GLY A 427 -10.04 -22.39 -3.02
N CYS A 428 -11.07 -22.06 -3.80
CA CYS A 428 -12.20 -22.96 -4.03
C CYS A 428 -12.22 -23.28 -5.51
N MSE A 429 -11.01 -23.30 -6.07
CA MSE A 429 -10.79 -23.57 -7.48
C MSE A 429 -11.21 -24.96 -7.93
O MSE A 429 -12.28 -25.13 -8.50
CB MSE A 429 -9.31 -23.33 -7.82
CG MSE A 429 -8.96 -23.47 -9.30
SE MSE A 429 -9.76 -22.24 -10.37
CE MSE A 429 -11.24 -23.15 -10.91
N GLN A 430 -10.33 -25.93 -7.68
CA GLN A 430 -10.55 -27.32 -8.06
C GLN A 430 -12.02 -27.71 -8.01
N GLY A 431 -12.60 -27.63 -6.81
CA GLY A 431 -14.01 -27.98 -6.65
C GLY A 431 -14.92 -27.16 -7.53
N MSE A 432 -14.48 -25.97 -7.88
CA MSE A 432 -15.28 -25.09 -8.73
C MSE A 432 -15.06 -25.51 -10.18
O MSE A 432 -15.98 -25.46 -10.99
CB MSE A 432 -14.88 -23.63 -8.53
CG MSE A 432 -16.05 -22.64 -8.54
SE MSE A 432 -17.05 -22.58 -10.08
CE MSE A 432 -16.24 -21.22 -10.98
N ILE A 433 -13.84 -25.93 -10.49
CA ILE A 433 -13.50 -26.35 -11.85
C ILE A 433 -14.62 -27.13 -12.53
N PRO A 434 -15.34 -27.99 -11.78
CA PRO A 434 -16.44 -28.78 -12.35
C PRO A 434 -17.51 -27.99 -13.10
N TYR A 435 -18.00 -26.89 -12.51
CA TYR A 435 -19.03 -26.10 -13.17
C TYR A 435 -18.35 -25.19 -14.19
N LEU A 436 -17.07 -24.90 -13.90
CA LEU A 436 -16.22 -24.04 -14.72
C LEU A 436 -16.41 -24.19 -16.23
N PRO A 437 -16.65 -25.41 -16.71
CA PRO A 437 -16.84 -25.60 -18.16
C PRO A 437 -18.17 -25.08 -18.71
N GLU A 438 -19.02 -24.56 -17.83
CA GLU A 438 -20.30 -24.01 -18.26
C GLU A 438 -20.40 -22.51 -17.98
N LEU A 439 -19.87 -22.09 -16.82
CA LEU A 439 -19.87 -20.68 -16.45
C LEU A 439 -19.11 -19.83 -17.47
N ILE A 440 -17.80 -20.09 -17.56
CA ILE A 440 -16.89 -19.37 -18.45
C ILE A 440 -17.45 -18.92 -19.80
N PRO A 441 -18.01 -19.84 -20.60
CA PRO A 441 -18.55 -19.40 -21.90
C PRO A 441 -19.71 -18.39 -21.76
N HIS A 442 -20.25 -18.30 -20.54
CA HIS A 442 -21.36 -17.39 -20.22
C HIS A 442 -20.81 -16.02 -19.89
N LEU A 443 -19.92 -15.97 -18.90
CA LEU A 443 -19.29 -14.72 -18.50
C LEU A 443 -18.87 -14.02 -19.78
N ILE A 444 -18.26 -14.78 -20.70
CA ILE A 444 -17.82 -14.25 -21.98
C ILE A 444 -18.94 -13.50 -22.69
N GLN A 445 -20.16 -13.67 -22.19
CA GLN A 445 -21.29 -12.97 -22.77
C GLN A 445 -21.41 -11.63 -22.07
N CYS A 446 -21.37 -11.68 -20.74
CA CYS A 446 -21.47 -10.46 -19.93
C CYS A 446 -20.60 -9.35 -20.52
N LEU A 447 -19.35 -9.69 -20.80
CA LEU A 447 -18.40 -8.75 -21.39
C LEU A 447 -19.04 -7.95 -22.52
N SER A 448 -19.92 -8.61 -23.27
CA SER A 448 -20.57 -7.99 -24.42
C SER A 448 -21.83 -7.16 -24.14
N ASP A 449 -22.17 -6.99 -22.87
CA ASP A 449 -23.38 -6.25 -22.54
C ASP A 449 -23.37 -4.75 -22.77
N LYS A 450 -23.99 -4.02 -21.85
CA LYS A 450 -24.09 -2.57 -21.84
C LYS A 450 -24.09 -2.19 -20.36
N LYS A 451 -23.71 -3.18 -19.56
CA LYS A 451 -23.63 -3.08 -18.11
C LYS A 451 -22.24 -2.59 -17.68
N ALA A 452 -21.74 -1.57 -18.38
CA ALA A 452 -20.43 -0.98 -18.14
C ALA A 452 -19.69 -1.44 -16.87
N LEU A 453 -20.24 -1.15 -15.71
CA LEU A 453 -19.58 -1.54 -14.47
C LEU A 453 -19.68 -3.05 -14.18
N VAL A 454 -20.30 -3.78 -15.08
CA VAL A 454 -20.43 -5.23 -14.89
C VAL A 454 -19.39 -5.91 -15.76
N ARG A 455 -19.15 -5.35 -16.94
CA ARG A 455 -18.14 -5.88 -17.85
C ARG A 455 -16.84 -5.87 -17.05
N SER A 456 -16.64 -4.79 -16.30
CA SER A 456 -15.46 -4.65 -15.47
C SER A 456 -15.15 -5.92 -14.70
N ILE A 457 -16.06 -6.36 -13.83
CA ILE A 457 -15.80 -7.58 -13.06
C ILE A 457 -15.91 -8.82 -13.95
N THR A 458 -16.64 -8.72 -15.05
CA THR A 458 -16.72 -9.87 -15.94
C THR A 458 -15.25 -10.10 -16.34
N CYS A 459 -14.55 -9.01 -16.70
CA CYS A 459 -13.13 -9.06 -17.08
C CYS A 459 -12.28 -9.62 -15.96
N TRP A 460 -12.24 -8.89 -14.86
CA TRP A 460 -11.44 -9.33 -13.72
C TRP A 460 -11.76 -10.73 -13.27
N THR A 461 -12.99 -11.19 -13.51
CA THR A 461 -13.36 -12.53 -13.08
C THR A 461 -12.87 -13.58 -14.08
N LEU A 462 -13.16 -13.37 -15.36
CA LEU A 462 -12.71 -14.30 -16.38
C LEU A 462 -11.25 -14.58 -16.08
N SER A 463 -10.44 -13.54 -16.18
CA SER A 463 -9.02 -13.66 -15.92
C SER A 463 -8.80 -14.26 -14.54
N ARG A 464 -9.65 -13.91 -13.58
CA ARG A 464 -9.49 -14.40 -12.22
C ARG A 464 -9.14 -15.89 -12.22
N TYR A 465 -9.63 -16.62 -13.22
CA TYR A 465 -9.30 -18.03 -13.36
C TYR A 465 -9.30 -18.46 -14.82
N ALA A 466 -8.51 -17.74 -15.62
CA ALA A 466 -8.38 -18.03 -17.05
C ALA A 466 -7.36 -19.14 -17.21
N HIS A 467 -6.51 -19.29 -16.19
CA HIS A 467 -5.48 -20.32 -16.17
C HIS A 467 -6.04 -21.61 -16.76
N TRP A 468 -7.26 -21.90 -16.34
CA TRP A 468 -7.98 -23.06 -16.79
C TRP A 468 -8.20 -22.88 -18.31
N VAL A 469 -8.99 -21.86 -18.68
CA VAL A 469 -9.30 -21.60 -20.09
C VAL A 469 -8.13 -21.84 -21.03
N VAL A 470 -6.92 -21.63 -20.52
CA VAL A 470 -5.71 -21.85 -21.31
C VAL A 470 -5.39 -23.33 -21.27
N SER A 471 -5.36 -23.90 -20.07
CA SER A 471 -5.07 -25.32 -19.91
C SER A 471 -6.32 -26.10 -20.37
N GLN A 472 -6.70 -25.89 -21.63
CA GLN A 472 -7.87 -26.50 -22.24
C GLN A 472 -7.71 -26.47 -23.75
N PRO A 473 -8.74 -26.90 -24.49
CA PRO A 473 -8.62 -26.87 -25.95
C PRO A 473 -8.79 -25.43 -26.39
N PRO A 474 -8.33 -25.09 -27.60
CA PRO A 474 -8.44 -23.72 -28.12
C PRO A 474 -9.88 -23.26 -28.30
N ASP A 475 -10.30 -23.19 -29.56
CA ASP A 475 -11.65 -22.74 -29.91
C ASP A 475 -12.74 -22.92 -28.87
N THR A 476 -12.63 -23.94 -28.01
CA THR A 476 -13.64 -24.16 -26.99
C THR A 476 -13.92 -22.84 -26.27
N TYR A 477 -12.86 -22.15 -25.86
CA TYR A 477 -13.02 -20.86 -25.19
C TYR A 477 -11.78 -19.99 -24.99
N LEU A 478 -10.58 -20.50 -25.23
CA LEU A 478 -9.41 -19.64 -25.07
C LEU A 478 -9.26 -18.80 -26.33
N LYS A 479 -10.08 -19.12 -27.34
CA LYS A 479 -10.03 -18.36 -28.57
C LYS A 479 -11.09 -17.27 -28.53
N PRO A 480 -12.32 -17.60 -28.08
CA PRO A 480 -13.36 -16.57 -28.02
C PRO A 480 -13.13 -15.57 -26.88
N LEU A 481 -12.61 -16.08 -25.76
CA LEU A 481 -12.32 -15.24 -24.60
C LEU A 481 -11.39 -14.13 -25.06
N MSE A 482 -10.25 -14.57 -25.59
CA MSE A 482 -9.24 -13.66 -26.10
C MSE A 482 -9.81 -12.86 -27.28
O MSE A 482 -9.10 -12.05 -27.86
CB MSE A 482 -8.04 -14.47 -26.54
CG MSE A 482 -6.88 -13.66 -27.08
SE MSE A 482 -5.70 -14.72 -27.96
CE MSE A 482 -4.93 -15.63 -26.54
N THR A 483 -11.06 -13.09 -27.62
CA THR A 483 -11.66 -12.37 -28.74
C THR A 483 -12.56 -11.25 -28.27
N GLU A 484 -13.39 -11.56 -27.27
CA GLU A 484 -14.30 -10.56 -26.73
C GLU A 484 -13.57 -9.70 -25.72
N LEU A 485 -12.59 -10.29 -25.04
CA LEU A 485 -11.78 -9.60 -24.06
C LEU A 485 -11.12 -8.44 -24.82
N LEU A 486 -10.67 -8.73 -26.04
CA LEU A 486 -10.03 -7.74 -26.90
C LEU A 486 -10.95 -6.64 -27.37
N LYS A 487 -12.21 -6.96 -27.64
CA LYS A 487 -13.16 -5.95 -28.11
C LYS A 487 -13.38 -4.95 -26.99
N ARG A 488 -13.19 -5.41 -25.75
CA ARG A 488 -13.33 -4.57 -24.58
C ARG A 488 -12.09 -3.67 -24.43
N ILE A 489 -10.92 -4.22 -24.75
CA ILE A 489 -9.65 -3.46 -24.71
C ILE A 489 -9.95 -2.13 -25.36
N LEU A 490 -10.85 -2.15 -26.33
CA LEU A 490 -11.20 -0.93 -27.01
C LEU A 490 -12.55 -0.42 -26.58
N ASP A 491 -12.96 0.68 -27.21
CA ASP A 491 -14.25 1.34 -26.97
C ASP A 491 -14.57 1.32 -25.48
N SER A 492 -15.85 1.29 -25.15
CA SER A 492 -16.27 1.28 -23.76
C SER A 492 -15.86 2.59 -23.10
N ASN A 493 -15.81 2.51 -21.77
CA ASN A 493 -15.42 3.64 -20.97
C ASN A 493 -14.04 3.23 -20.48
N LYS A 494 -13.26 4.23 -20.05
CA LYS A 494 -11.91 4.00 -19.59
C LYS A 494 -11.79 2.99 -18.45
N ARG A 495 -12.86 2.84 -17.67
CA ARG A 495 -12.82 1.90 -16.57
C ARG A 495 -12.76 0.50 -17.14
N VAL A 496 -13.57 0.27 -18.16
CA VAL A 496 -13.62 -1.01 -18.85
C VAL A 496 -12.22 -1.27 -19.42
N GLN A 497 -11.73 -0.31 -20.21
CA GLN A 497 -10.42 -0.44 -20.84
C GLN A 497 -9.36 -0.94 -19.87
N GLU A 498 -9.25 -0.36 -18.68
CA GLU A 498 -8.22 -0.85 -17.76
C GLU A 498 -8.50 -2.28 -17.34
N ALA A 499 -9.67 -2.53 -16.76
CA ALA A 499 -10.04 -3.87 -16.32
C ALA A 499 -9.80 -4.84 -17.46
N ALA A 500 -10.05 -4.35 -18.68
CA ALA A 500 -9.85 -5.15 -19.86
C ALA A 500 -8.36 -5.57 -19.97
N CYS A 501 -7.50 -4.62 -20.31
CA CYS A 501 -6.07 -4.87 -20.46
C CYS A 501 -5.47 -5.67 -19.32
N SER A 502 -5.51 -5.11 -18.12
CA SER A 502 -4.97 -5.78 -16.95
C SER A 502 -5.28 -7.29 -16.98
N ALA A 503 -6.50 -7.60 -17.36
CA ALA A 503 -6.97 -8.99 -17.46
C ALA A 503 -6.17 -9.74 -18.53
N PHE A 504 -6.41 -9.32 -19.76
CA PHE A 504 -5.75 -9.88 -20.95
C PHE A 504 -4.24 -10.01 -20.68
N ALA A 505 -3.75 -9.04 -19.94
CA ALA A 505 -2.34 -8.96 -19.56
C ALA A 505 -1.92 -10.23 -18.82
N THR A 506 -2.85 -10.72 -18.02
CA THR A 506 -2.66 -11.94 -17.22
C THR A 506 -2.90 -13.18 -18.09
N LEU A 507 -3.84 -13.02 -19.02
CA LEU A 507 -4.21 -14.10 -19.95
C LEU A 507 -3.00 -14.50 -20.78
N GLU A 508 -2.14 -13.52 -20.99
CA GLU A 508 -0.90 -13.69 -21.75
C GLU A 508 0.10 -14.50 -20.93
N GLU A 509 0.54 -13.88 -19.85
CA GLU A 509 1.51 -14.47 -18.91
C GLU A 509 1.20 -15.95 -18.70
N GLU A 510 -0.06 -16.27 -18.94
CA GLU A 510 -0.58 -17.64 -18.78
C GLU A 510 -0.32 -18.49 -20.03
N ALA A 511 -1.04 -18.12 -21.08
CA ALA A 511 -1.00 -18.81 -22.38
C ALA A 511 0.43 -18.90 -22.94
N CYS A 512 1.31 -18.10 -22.37
CA CYS A 512 2.72 -18.02 -22.74
C CYS A 512 3.05 -18.99 -23.85
N THR A 513 3.14 -18.44 -25.06
CA THR A 513 3.53 -19.16 -26.30
C THR A 513 2.34 -19.86 -26.99
N GLU A 514 1.21 -19.89 -26.32
CA GLU A 514 0.00 -20.53 -26.88
C GLU A 514 -0.83 -19.50 -27.64
N LEU A 515 -0.47 -18.25 -27.46
CA LEU A 515 -1.13 -17.10 -28.10
C LEU A 515 -0.54 -16.89 -29.50
N VAL A 516 0.69 -17.32 -29.61
CA VAL A 516 1.50 -17.22 -30.84
C VAL A 516 0.62 -17.37 -32.09
N PRO A 517 -0.33 -18.31 -32.13
CA PRO A 517 -1.15 -18.52 -33.30
C PRO A 517 -1.94 -17.27 -33.69
N TYR A 518 -2.57 -16.68 -32.69
CA TYR A 518 -3.43 -15.49 -32.88
C TYR A 518 -2.70 -14.18 -32.54
N LEU A 519 -1.52 -14.03 -33.11
CA LEU A 519 -0.69 -12.83 -32.89
C LEU A 519 -1.26 -11.66 -33.71
N ALA A 520 -1.02 -11.74 -35.00
CA ALA A 520 -1.46 -10.71 -35.96
C ALA A 520 -2.74 -10.03 -35.48
N TYR A 521 -3.61 -10.85 -34.90
CA TYR A 521 -4.91 -10.39 -34.36
C TYR A 521 -4.68 -9.54 -33.10
N ILE A 522 -4.25 -10.23 -32.05
CA ILE A 522 -3.96 -9.57 -30.76
C ILE A 522 -3.27 -8.24 -31.02
N LEU A 523 -2.22 -8.31 -31.83
CA LEU A 523 -1.43 -7.15 -32.17
C LEU A 523 -2.24 -5.99 -32.73
N ASP A 524 -3.05 -6.24 -33.75
CA ASP A 524 -3.80 -5.12 -34.29
C ASP A 524 -4.79 -4.52 -33.30
N THR A 525 -5.18 -5.28 -32.29
CA THR A 525 -6.10 -4.75 -31.29
C THR A 525 -5.28 -3.71 -30.53
N LEU A 526 -4.15 -4.15 -29.99
CA LEU A 526 -3.27 -3.29 -29.23
C LEU A 526 -2.86 -2.08 -30.04
N VAL A 527 -2.31 -2.30 -31.23
CA VAL A 527 -1.88 -1.17 -32.02
C VAL A 527 -2.97 -0.11 -32.24
N PHE A 528 -4.25 -0.51 -32.25
CA PHE A 528 -5.30 0.48 -32.46
C PHE A 528 -5.54 1.29 -31.19
N ALA A 529 -5.41 0.63 -30.04
CA ALA A 529 -5.59 1.30 -28.77
C ALA A 529 -4.76 2.60 -28.70
N PHE A 530 -3.49 2.55 -29.09
CA PHE A 530 -2.62 3.73 -29.06
C PHE A 530 -3.28 4.92 -29.71
N SER A 531 -4.30 4.68 -30.49
CA SER A 531 -4.97 5.78 -31.19
C SER A 531 -6.28 6.15 -30.49
N LYS A 532 -6.66 5.40 -29.48
CA LYS A 532 -7.90 5.70 -28.76
C LYS A 532 -7.71 5.93 -27.26
N TYR A 533 -6.65 5.36 -26.69
CA TYR A 533 -6.36 5.47 -25.27
C TYR A 533 -5.91 6.83 -24.72
N GLN A 534 -6.23 7.06 -23.46
CA GLN A 534 -5.88 8.29 -22.78
C GLN A 534 -4.61 8.05 -21.94
N HIS A 535 -4.01 9.11 -21.42
CA HIS A 535 -2.77 8.93 -20.68
C HIS A 535 -2.76 7.81 -19.68
N LYS A 536 -3.66 7.90 -18.72
CA LYS A 536 -3.77 6.90 -17.67
C LYS A 536 -3.76 5.47 -18.21
N ASN A 537 -4.57 5.17 -19.20
CA ASN A 537 -4.61 3.81 -19.74
C ASN A 537 -3.47 3.48 -20.68
N LEU A 538 -2.96 4.49 -21.37
CA LEU A 538 -1.86 4.30 -22.30
C LEU A 538 -0.69 3.65 -21.60
N LEU A 539 -0.49 4.00 -20.34
CA LEU A 539 0.58 3.44 -19.54
C LEU A 539 0.39 1.95 -19.33
N ILE A 540 -0.86 1.51 -19.27
CA ILE A 540 -1.14 0.09 -19.09
C ILE A 540 -1.00 -0.59 -20.44
N LEU A 541 -1.33 0.15 -21.49
CA LEU A 541 -1.22 -0.39 -22.83
C LEU A 541 0.26 -0.77 -23.01
N TYR A 542 1.17 0.15 -22.68
CA TYR A 542 2.60 -0.10 -22.78
C TYR A 542 2.95 -1.39 -22.07
N ASP A 543 2.58 -1.46 -20.79
CA ASP A 543 2.84 -2.64 -19.98
C ASP A 543 2.27 -3.90 -20.62
N ALA A 544 1.09 -3.78 -21.22
CA ALA A 544 0.47 -4.92 -21.86
C ALA A 544 1.46 -5.49 -22.85
N ILE A 545 1.77 -4.69 -23.87
CA ILE A 545 2.71 -5.04 -24.94
C ILE A 545 4.02 -5.66 -24.44
N GLY A 546 4.68 -4.99 -23.51
CA GLY A 546 5.91 -5.56 -22.99
C GLY A 546 5.69 -6.96 -22.45
N THR A 547 4.52 -7.18 -21.82
CA THR A 547 4.18 -8.48 -21.27
C THR A 547 3.99 -9.47 -22.42
N LEU A 548 3.18 -9.09 -23.40
CA LEU A 548 2.93 -9.91 -24.57
C LEU A 548 4.24 -10.37 -25.19
N ALA A 549 5.21 -9.46 -25.23
CA ALA A 549 6.50 -9.76 -25.80
C ALA A 549 7.25 -10.74 -24.93
N ASP A 550 7.20 -10.56 -23.63
CA ASP A 550 7.93 -11.49 -22.78
C ASP A 550 7.33 -12.88 -22.92
N SER A 551 6.03 -12.96 -23.18
CA SER A 551 5.33 -14.25 -23.28
C SER A 551 5.53 -15.00 -24.59
N VAL A 552 5.24 -14.31 -25.69
CA VAL A 552 5.37 -14.92 -26.98
C VAL A 552 6.82 -15.28 -27.32
N GLY A 553 7.79 -14.49 -26.88
CA GLY A 553 9.18 -14.79 -27.19
C GLY A 553 9.64 -14.39 -28.59
N HIS A 554 10.72 -15.01 -29.05
CA HIS A 554 11.25 -14.71 -30.39
C HIS A 554 10.17 -14.80 -31.45
N HIS A 555 9.08 -15.47 -31.09
CA HIS A 555 7.98 -15.66 -32.02
C HIS A 555 7.49 -14.36 -32.60
N LEU A 556 7.67 -13.28 -31.85
CA LEU A 556 7.24 -11.96 -32.28
C LEU A 556 8.14 -11.41 -33.38
N ASN A 557 9.22 -12.14 -33.66
CA ASN A 557 10.15 -11.68 -34.69
C ASN A 557 9.73 -12.08 -36.09
N LYS A 558 8.85 -11.27 -36.69
CA LYS A 558 8.40 -11.55 -38.05
C LYS A 558 7.90 -10.27 -38.66
N PRO A 559 8.44 -9.91 -39.83
CA PRO A 559 8.13 -8.71 -40.62
C PRO A 559 6.72 -8.16 -40.48
N GLU A 560 5.72 -9.02 -40.67
CA GLU A 560 4.34 -8.60 -40.56
C GLU A 560 4.06 -7.96 -39.19
N TYR A 561 4.49 -8.62 -38.12
CA TYR A 561 4.29 -8.11 -36.77
C TYR A 561 5.08 -6.83 -36.48
N ILE A 562 6.41 -6.95 -36.50
CA ILE A 562 7.30 -5.83 -36.24
C ILE A 562 6.86 -4.58 -36.97
N GLN A 563 6.64 -4.71 -38.28
CA GLN A 563 6.24 -3.61 -39.13
C GLN A 563 4.99 -2.83 -38.73
N MSE A 564 4.14 -3.43 -37.89
CA MSE A 564 2.91 -2.75 -37.45
C MSE A 564 2.97 -2.33 -36.00
O MSE A 564 2.15 -1.54 -35.55
CB MSE A 564 1.68 -3.64 -37.68
CG MSE A 564 1.64 -4.92 -36.86
SE MSE A 564 0.25 -6.07 -37.27
CE MSE A 564 -0.92 -5.74 -35.90
N LEU A 565 3.94 -2.86 -35.27
CA LEU A 565 4.11 -2.53 -33.85
C LEU A 565 5.03 -1.33 -33.59
N MSE A 566 6.09 -1.19 -34.37
CA MSE A 566 7.01 -0.09 -34.18
C MSE A 566 6.47 1.31 -34.42
O MSE A 566 6.54 2.17 -33.55
CB MSE A 566 8.25 -0.29 -35.06
CG MSE A 566 9.06 -1.50 -34.68
SE MSE A 566 9.37 -1.54 -32.89
CE MSE A 566 10.89 -0.44 -32.75
N PRO A 567 5.92 1.55 -35.62
CA PRO A 567 5.38 2.86 -35.93
C PRO A 567 4.70 3.57 -34.74
N PRO A 568 3.79 2.88 -34.06
CA PRO A 568 3.16 3.57 -32.92
C PRO A 568 4.14 3.89 -31.80
N LEU A 569 5.03 2.94 -31.47
CA LEU A 569 6.00 3.17 -30.41
C LEU A 569 6.93 4.32 -30.80
N ILE A 570 7.51 4.26 -32.00
CA ILE A 570 8.38 5.34 -32.47
C ILE A 570 7.69 6.70 -32.31
N GLN A 571 6.39 6.72 -32.56
CA GLN A 571 5.57 7.92 -32.48
C GLN A 571 5.68 8.55 -31.09
N LYS A 572 5.62 7.71 -30.06
CA LYS A 572 5.73 8.15 -28.67
C LYS A 572 7.16 8.59 -28.42
N TRP A 573 8.07 7.66 -28.67
CA TRP A 573 9.47 7.88 -28.50
C TRP A 573 9.95 9.26 -28.92
N ASN A 574 9.52 9.73 -30.09
CA ASN A 574 9.96 11.03 -30.57
C ASN A 574 9.20 12.17 -29.94
N MSE A 575 8.20 11.84 -29.16
CA MSE A 575 7.34 12.83 -28.55
C MSE A 575 7.64 13.19 -27.10
O MSE A 575 7.27 14.27 -26.65
CB MSE A 575 5.91 12.29 -28.67
CG MSE A 575 4.83 13.17 -28.12
SE MSE A 575 3.24 12.29 -28.28
CE MSE A 575 2.61 12.94 -29.91
N LEU A 576 8.31 12.31 -26.39
CA LEU A 576 8.63 12.54 -25.00
C LEU A 576 9.94 13.23 -24.73
N LYS A 577 9.93 14.19 -23.80
CA LYS A 577 11.12 14.89 -23.40
C LYS A 577 11.92 13.86 -22.62
N ASP A 578 13.21 14.09 -22.43
CA ASP A 578 14.03 13.15 -21.68
C ASP A 578 13.69 13.21 -20.20
N GLU A 579 12.70 14.00 -19.85
CA GLU A 579 12.31 14.18 -18.46
C GLU A 579 10.91 13.64 -18.19
N ASP A 580 10.17 13.33 -19.23
CA ASP A 580 8.81 12.82 -19.07
C ASP A 580 8.82 11.43 -18.44
N LYS A 581 8.11 11.28 -17.34
CA LYS A 581 8.10 10.00 -16.64
C LYS A 581 7.53 8.86 -17.47
N ASP A 582 6.70 9.15 -18.45
CA ASP A 582 6.15 8.08 -19.28
C ASP A 582 7.28 7.26 -19.89
N LEU A 583 8.46 7.86 -19.99
CA LEU A 583 9.60 7.13 -20.53
C LEU A 583 9.77 5.80 -19.84
N PHE A 584 9.46 5.75 -18.55
CA PHE A 584 9.63 4.49 -17.85
C PHE A 584 8.83 3.38 -18.54
N PRO A 585 7.49 3.52 -18.62
CA PRO A 585 6.64 2.50 -19.26
C PRO A 585 7.07 2.20 -20.70
N LEU A 586 7.32 3.26 -21.48
CA LEU A 586 7.75 3.15 -22.86
C LEU A 586 9.08 2.42 -22.99
N LEU A 587 10.08 2.88 -22.24
CA LEU A 587 11.38 2.24 -22.31
C LEU A 587 11.32 0.83 -21.76
N GLU A 588 10.51 0.62 -20.72
CA GLU A 588 10.39 -0.70 -20.15
C GLU A 588 9.77 -1.64 -21.15
N CYS A 589 8.82 -1.12 -21.92
CA CYS A 589 8.17 -1.90 -22.97
C CYS A 589 9.26 -2.25 -23.96
N LEU A 590 9.87 -1.23 -24.56
CA LEU A 590 10.93 -1.46 -25.53
C LEU A 590 11.92 -2.50 -25.00
N SER A 591 12.47 -2.19 -23.84
CA SER A 591 13.46 -3.04 -23.17
C SER A 591 13.14 -4.53 -23.38
N SER A 592 11.84 -4.79 -23.42
CA SER A 592 11.32 -6.16 -23.59
C SER A 592 11.30 -6.54 -25.08
N VAL A 593 10.51 -5.77 -25.81
CA VAL A 593 10.31 -5.95 -27.26
C VAL A 593 11.64 -6.19 -27.98
N ALA A 594 12.62 -5.40 -27.58
CA ALA A 594 13.97 -5.44 -28.17
C ALA A 594 14.62 -6.82 -28.01
N THR A 595 14.30 -7.47 -26.90
CA THR A 595 14.85 -8.77 -26.56
C THR A 595 14.12 -9.91 -27.28
N ALA A 596 12.90 -9.62 -27.68
CA ALA A 596 12.03 -10.60 -28.36
C ALA A 596 12.30 -10.63 -29.87
N LEU A 597 12.68 -9.46 -30.39
CA LEU A 597 12.94 -9.27 -31.82
C LEU A 597 14.35 -9.77 -32.20
N GLN A 598 15.10 -10.13 -31.18
CA GLN A 598 16.47 -10.63 -31.33
C GLN A 598 16.96 -10.42 -32.77
N SER A 599 17.84 -9.44 -32.91
CA SER A 599 18.46 -9.07 -34.19
C SER A 599 17.43 -8.41 -35.12
N GLY A 600 16.19 -8.83 -34.94
CA GLY A 600 15.05 -8.34 -35.74
C GLY A 600 14.67 -6.92 -35.32
N PHE A 601 15.40 -6.43 -34.34
CA PHE A 601 15.18 -5.07 -33.79
C PHE A 601 16.28 -4.13 -34.30
N LEU A 602 17.28 -4.75 -34.88
CA LEU A 602 18.43 -4.03 -35.45
C LEU A 602 17.95 -2.74 -36.12
N PRO A 603 17.09 -2.84 -37.15
CA PRO A 603 16.60 -1.65 -37.84
C PRO A 603 15.85 -0.73 -36.88
N TYR A 604 16.48 -0.42 -35.75
CA TYR A 604 15.90 0.49 -34.71
C TYR A 604 16.89 0.71 -33.57
N CYS A 605 17.88 -0.14 -33.44
CA CYS A 605 18.77 -0.01 -32.31
C CYS A 605 19.64 1.21 -32.19
N GLU A 606 20.24 1.66 -33.26
CA GLU A 606 21.12 2.82 -33.13
C GLU A 606 20.55 3.97 -32.26
N PRO A 607 19.38 4.48 -32.61
CA PRO A 607 18.90 5.56 -31.77
C PRO A 607 18.47 5.11 -30.39
N VAL A 608 17.91 3.91 -30.26
CA VAL A 608 17.49 3.45 -28.95
C VAL A 608 18.72 3.45 -28.07
N TYR A 609 19.79 2.87 -28.60
CA TYR A 609 21.06 2.80 -27.90
C TYR A 609 21.54 4.21 -27.59
N GLN A 610 21.61 5.03 -28.59
CA GLN A 610 22.08 6.39 -28.38
C GLN A 610 21.37 7.13 -27.28
N ARG A 611 20.03 7.08 -27.27
CA ARG A 611 19.26 7.78 -26.26
C ARG A 611 19.69 7.41 -24.86
N CYS A 612 19.84 6.10 -24.63
CA CYS A 612 20.28 5.56 -23.34
C CYS A 612 21.64 6.08 -22.92
N VAL A 613 22.63 5.86 -23.74
CA VAL A 613 23.95 6.32 -23.42
C VAL A 613 23.92 7.81 -23.05
N ASN A 614 23.26 8.63 -23.87
CA ASN A 614 23.18 10.05 -23.60
C ASN A 614 22.49 10.40 -22.29
N LEU A 615 21.43 9.67 -21.94
CA LEU A 615 20.71 9.90 -20.69
C LEU A 615 21.62 9.61 -19.51
N VAL A 616 22.36 8.52 -19.59
CA VAL A 616 23.28 8.17 -18.52
C VAL A 616 24.31 9.26 -18.41
N GLN A 617 24.78 9.74 -19.57
CA GLN A 617 25.77 10.79 -19.62
C GLN A 617 25.28 12.07 -19.07
N LYS A 618 24.00 12.37 -19.28
CA LYS A 618 23.42 13.61 -18.79
C LYS A 618 23.11 13.54 -17.31
N THR A 619 22.58 12.42 -16.85
CA THR A 619 22.24 12.26 -15.44
C THR A 619 23.47 12.25 -14.55
N LEU A 620 24.51 11.53 -14.96
CA LEU A 620 25.73 11.52 -14.18
C LEU A 620 26.21 12.97 -13.96
N ALA A 621 26.13 13.79 -14.99
CA ALA A 621 26.57 15.16 -14.91
C ALA A 621 25.65 15.98 -14.04
N GLN A 622 24.36 15.89 -14.33
CA GLN A 622 23.37 16.62 -13.60
C GLN A 622 23.55 16.38 -12.11
N ALA A 623 24.02 15.21 -11.74
CA ALA A 623 24.21 14.93 -10.32
C ALA A 623 25.35 15.72 -9.74
N MSE A 624 26.53 15.61 -10.34
CA MSE A 624 27.67 16.33 -9.81
C MSE A 624 27.40 17.82 -9.71
O MSE A 624 27.67 18.42 -8.67
CB MSE A 624 28.90 16.10 -10.66
CG MSE A 624 29.47 14.74 -10.48
SE MSE A 624 30.97 14.52 -11.43
CE MSE A 624 30.42 13.35 -12.80
N LEU A 625 26.87 18.39 -10.77
CA LEU A 625 26.56 19.80 -10.77
C LEU A 625 25.62 20.14 -9.62
N ASN A 626 24.60 19.32 -9.40
CA ASN A 626 23.67 19.59 -8.31
C ASN A 626 24.33 19.44 -6.95
N ASN A 627 25.27 18.51 -6.84
CA ASN A 627 25.97 18.29 -5.59
C ASN A 627 26.76 19.53 -5.21
N ALA A 628 27.41 20.13 -6.20
CA ALA A 628 28.23 21.32 -5.95
C ALA A 628 27.46 22.63 -5.94
N GLN A 629 26.43 22.76 -6.77
CA GLN A 629 25.68 24.01 -6.79
C GLN A 629 24.17 23.77 -6.74
N PRO A 630 23.68 23.28 -5.60
CA PRO A 630 22.27 22.97 -5.34
C PRO A 630 21.35 24.12 -5.69
N ASP A 631 21.90 25.31 -5.58
CA ASP A 631 21.20 26.55 -5.86
C ASP A 631 20.83 26.67 -7.34
N GLN A 632 21.81 26.37 -8.19
CA GLN A 632 21.68 26.47 -9.62
C GLN A 632 21.08 25.25 -10.31
N TYR A 633 21.75 24.10 -10.17
CA TYR A 633 21.30 22.88 -10.79
C TYR A 633 20.38 22.05 -9.91
N GLU A 634 19.26 21.61 -10.48
CA GLU A 634 18.32 20.80 -9.70
C GLU A 634 18.83 19.39 -9.50
N ALA A 635 18.15 18.63 -8.64
CA ALA A 635 18.56 17.27 -8.36
C ALA A 635 18.04 16.29 -9.38
N PRO A 636 18.94 15.56 -10.04
CA PRO A 636 18.53 14.60 -11.05
C PRO A 636 17.84 13.42 -10.40
N ASP A 637 16.97 12.78 -11.15
CA ASP A 637 16.26 11.60 -10.69
C ASP A 637 17.02 10.42 -11.28
N LYS A 638 17.80 9.73 -10.45
CA LYS A 638 18.59 8.59 -10.93
C LYS A 638 17.79 7.50 -11.65
N ASP A 639 16.46 7.52 -11.54
CA ASP A 639 15.64 6.51 -12.19
C ASP A 639 15.83 6.49 -13.73
N PHE A 640 16.20 7.60 -14.32
CA PHE A 640 16.39 7.63 -15.77
C PHE A 640 17.64 6.89 -16.16
N MSE A 641 18.59 6.80 -15.22
CA MSE A 641 19.81 6.08 -15.50
C MSE A 641 19.52 4.60 -15.49
O MSE A 641 19.90 3.86 -16.39
CB MSE A 641 20.84 6.35 -14.42
CG MSE A 641 21.89 7.34 -14.80
SE MSE A 641 23.11 7.33 -13.51
CE MSE A 641 22.57 8.71 -12.46
N ILE A 642 18.82 4.20 -14.43
CA ILE A 642 18.43 2.83 -14.21
C ILE A 642 17.59 2.31 -15.37
N VAL A 643 16.64 3.10 -15.83
CA VAL A 643 15.81 2.69 -16.94
C VAL A 643 16.70 2.56 -18.17
N ALA A 644 17.52 3.58 -18.46
CA ALA A 644 18.39 3.53 -19.64
C ALA A 644 19.38 2.38 -19.52
N LEU A 645 20.00 2.26 -18.36
CA LEU A 645 20.94 1.20 -18.18
C LEU A 645 20.22 -0.10 -18.48
N ASP A 646 19.04 -0.28 -17.90
CA ASP A 646 18.29 -1.51 -18.11
C ASP A 646 17.90 -1.78 -19.56
N LEU A 647 17.66 -0.73 -20.35
CA LEU A 647 17.32 -0.93 -21.75
C LEU A 647 18.58 -1.34 -22.53
N LEU A 648 19.72 -0.73 -22.23
CA LEU A 648 20.97 -1.09 -22.90
C LEU A 648 21.24 -2.56 -22.61
N SER A 649 20.94 -2.94 -21.37
CA SER A 649 21.13 -4.33 -20.96
C SER A 649 20.16 -5.21 -21.72
N GLY A 650 19.11 -4.63 -22.26
CA GLY A 650 18.13 -5.40 -23.01
C GLY A 650 18.49 -5.53 -24.45
N LEU A 651 19.13 -4.48 -25.00
CA LEU A 651 19.57 -4.49 -26.38
C LEU A 651 20.65 -5.54 -26.48
N ALA A 652 21.63 -5.44 -25.61
CA ALA A 652 22.76 -6.36 -25.59
C ALA A 652 22.31 -7.78 -25.53
N GLU A 653 21.20 -8.04 -24.86
CA GLU A 653 20.74 -9.41 -24.77
C GLU A 653 20.12 -9.85 -26.08
N GLY A 654 19.25 -9.04 -26.64
CA GLY A 654 18.60 -9.38 -27.89
C GLY A 654 19.51 -9.36 -29.11
N LEU A 655 20.21 -8.26 -29.31
CA LEU A 655 21.12 -8.09 -30.44
C LEU A 655 22.38 -8.89 -30.21
N GLY A 656 22.64 -9.19 -28.95
CA GLY A 656 23.82 -9.93 -28.54
C GLY A 656 24.85 -10.17 -29.62
N GLY A 657 25.99 -9.51 -29.57
CA GLY A 657 26.97 -9.75 -30.60
C GLY A 657 26.85 -8.74 -31.70
N ASN A 658 25.64 -8.52 -32.20
CA ASN A 658 25.43 -7.53 -33.22
C ASN A 658 25.56 -6.16 -32.62
N ILE A 659 25.60 -6.09 -31.30
CA ILE A 659 25.74 -4.80 -30.65
C ILE A 659 27.22 -4.41 -30.56
N GLU A 660 28.09 -5.30 -31.03
CA GLU A 660 29.53 -5.06 -30.97
C GLU A 660 29.98 -3.69 -31.46
N GLN A 661 29.59 -3.38 -32.69
CA GLN A 661 29.93 -2.13 -33.34
C GLN A 661 29.51 -0.92 -32.52
N LEU A 662 28.23 -0.87 -32.18
CA LEU A 662 27.68 0.24 -31.41
C LEU A 662 28.53 0.59 -30.21
N VAL A 663 28.77 -0.41 -29.38
CA VAL A 663 29.59 -0.27 -28.17
C VAL A 663 30.95 0.32 -28.50
N ALA A 664 31.64 -0.30 -29.44
CA ALA A 664 32.97 0.14 -29.85
C ALA A 664 33.10 1.64 -30.15
N ARG A 665 32.09 2.23 -30.76
CA ARG A 665 32.12 3.65 -31.11
C ARG A 665 31.49 4.55 -30.04
N SER A 666 31.24 3.98 -28.87
CA SER A 666 30.64 4.73 -27.76
C SER A 666 31.51 4.63 -26.55
N ASN A 667 31.05 5.20 -25.44
CA ASN A 667 31.82 5.13 -24.22
C ASN A 667 31.07 4.50 -23.05
N ILE A 668 30.36 3.40 -23.29
CA ILE A 668 29.65 2.69 -22.22
C ILE A 668 30.69 2.19 -21.24
N LEU A 669 31.76 1.61 -21.77
CA LEU A 669 32.82 1.09 -20.92
C LEU A 669 33.32 2.14 -19.96
N THR A 670 33.31 3.41 -20.38
CA THR A 670 33.76 4.46 -19.49
C THR A 670 32.65 4.78 -18.53
N LEU A 671 31.43 4.75 -19.04
CA LEU A 671 30.24 5.03 -18.25
C LEU A 671 30.05 3.95 -17.21
N MSE A 672 30.70 2.80 -17.41
CA MSE A 672 30.59 1.69 -16.47
C MSE A 672 31.33 2.02 -15.18
O MSE A 672 30.76 1.90 -14.10
CB MSE A 672 31.18 0.43 -17.07
CG MSE A 672 30.32 -0.18 -18.15
SE MSE A 672 28.95 -1.12 -17.44
CE MSE A 672 29.36 -2.78 -18.04
N TYR A 673 32.60 2.39 -15.32
CA TYR A 673 33.41 2.76 -14.17
C TYR A 673 32.61 3.76 -13.36
N GLN A 674 31.94 4.68 -14.04
CA GLN A 674 31.13 5.69 -13.36
C GLN A 674 29.89 5.09 -12.65
N CYS A 675 29.22 4.13 -13.27
CA CYS A 675 28.01 3.56 -12.69
C CYS A 675 28.22 2.46 -11.65
N MSE A 676 29.23 1.62 -11.82
CA MSE A 676 29.50 0.56 -10.87
C MSE A 676 30.01 1.18 -9.59
O MSE A 676 30.08 0.54 -8.53
CB MSE A 676 30.55 -0.36 -11.44
CG MSE A 676 30.13 -1.11 -12.68
SE MSE A 676 31.53 -1.98 -13.46
CE MSE A 676 31.96 -3.18 -12.16
N GLN A 677 30.38 2.46 -9.69
CA GLN A 677 30.89 3.18 -8.56
C GLN A 677 29.88 4.18 -7.99
N ASP A 678 28.64 4.15 -8.47
CA ASP A 678 27.68 5.12 -7.99
C ASP A 678 27.21 4.93 -6.57
N LYS A 679 26.95 6.05 -5.89
CA LYS A 679 26.53 6.03 -4.50
C LYS A 679 25.10 5.58 -4.26
N MSE A 680 24.43 5.13 -5.30
CA MSE A 680 23.07 4.64 -5.16
C MSE A 680 23.08 3.20 -5.56
O MSE A 680 23.55 2.86 -6.63
CB MSE A 680 22.12 5.41 -6.05
CG MSE A 680 20.76 4.76 -6.10
SE MSE A 680 19.53 5.83 -6.85
CE MSE A 680 19.29 7.05 -5.49
N PRO A 681 22.54 2.33 -4.72
CA PRO A 681 22.50 0.91 -5.01
C PRO A 681 21.87 0.52 -6.35
N GLU A 682 20.60 0.90 -6.56
CA GLU A 682 19.91 0.54 -7.78
C GLU A 682 20.71 0.81 -9.03
N VAL A 683 21.43 1.93 -9.08
CA VAL A 683 22.24 2.24 -10.25
C VAL A 683 23.33 1.18 -10.33
N ARG A 684 24.02 0.97 -9.22
CA ARG A 684 25.09 -0.02 -9.19
C ARG A 684 24.50 -1.35 -9.63
N GLN A 685 23.34 -1.69 -9.10
CA GLN A 685 22.68 -2.94 -9.44
C GLN A 685 22.39 -3.12 -10.92
N SER A 686 22.00 -2.04 -11.58
CA SER A 686 21.68 -2.11 -12.98
C SER A 686 22.90 -2.21 -13.85
N SER A 687 23.97 -1.54 -13.45
CA SER A 687 25.18 -1.57 -14.26
C SER A 687 25.74 -3.00 -14.30
N PHE A 688 25.75 -3.70 -13.16
CA PHE A 688 26.24 -5.06 -13.13
C PHE A 688 25.43 -5.95 -14.05
N ALA A 689 24.12 -5.77 -14.06
CA ALA A 689 23.29 -6.57 -14.95
C ALA A 689 23.76 -6.34 -16.38
N LEU A 690 24.25 -5.13 -16.66
CA LEU A 690 24.72 -4.77 -17.98
C LEU A 690 26.08 -5.36 -18.30
N LEU A 691 27.03 -5.17 -17.39
CA LEU A 691 28.38 -5.71 -17.57
C LEU A 691 28.23 -7.20 -17.90
N GLY A 692 27.29 -7.87 -17.23
CA GLY A 692 27.05 -9.27 -17.50
C GLY A 692 26.60 -9.51 -18.93
N ASP A 693 25.52 -8.86 -19.36
CA ASP A 693 25.06 -9.07 -20.72
C ASP A 693 26.14 -8.64 -21.72
N LEU A 694 26.74 -7.47 -21.54
CA LEU A 694 27.81 -7.03 -22.45
C LEU A 694 28.89 -8.08 -22.53
N THR A 695 29.25 -8.66 -21.39
CA THR A 695 30.27 -9.70 -21.30
C THR A 695 29.90 -10.91 -22.15
N LYS A 696 28.60 -11.12 -22.36
CA LYS A 696 28.19 -12.24 -23.18
C LYS A 696 28.24 -11.87 -24.63
N ALA A 697 27.94 -10.61 -24.94
CA ALA A 697 27.91 -10.17 -26.32
C ALA A 697 29.25 -9.79 -26.93
N CYS A 698 29.99 -8.90 -26.28
CA CYS A 698 31.27 -8.49 -26.84
C CYS A 698 32.36 -8.36 -25.80
N PHE A 699 32.77 -9.49 -25.24
CA PHE A 699 33.80 -9.55 -24.21
C PHE A 699 35.07 -8.87 -24.69
N GLN A 700 35.32 -9.03 -25.98
CA GLN A 700 36.45 -8.43 -26.67
C GLN A 700 36.64 -6.98 -26.19
N HIS A 701 35.52 -6.28 -25.98
CA HIS A 701 35.53 -4.89 -25.55
C HIS A 701 35.58 -4.66 -24.06
N VAL A 702 35.33 -5.71 -23.32
CA VAL A 702 35.31 -5.64 -21.88
C VAL A 702 36.68 -6.09 -21.36
N LYS A 703 37.10 -7.26 -21.78
CA LYS A 703 38.36 -7.86 -21.32
C LYS A 703 39.44 -6.87 -20.90
N PRO A 704 39.74 -5.87 -21.72
CA PRO A 704 40.79 -4.94 -21.26
C PRO A 704 40.53 -4.30 -19.90
N CYS A 705 39.27 -4.19 -19.48
CA CYS A 705 38.98 -3.58 -18.19
C CYS A 705 38.76 -4.58 -17.07
N ILE A 706 38.83 -5.87 -17.36
CA ILE A 706 38.60 -6.85 -16.30
C ILE A 706 39.45 -6.67 -15.07
N ALA A 707 40.70 -6.25 -15.24
CA ALA A 707 41.59 -6.06 -14.10
C ALA A 707 41.12 -4.91 -13.22
N ASP A 708 40.27 -4.04 -13.77
CA ASP A 708 39.74 -2.91 -13.02
C ASP A 708 38.42 -3.30 -12.38
N PHE A 709 37.53 -3.78 -13.24
CA PHE A 709 36.20 -4.17 -12.84
C PHE A 709 36.14 -5.26 -11.77
N MSE A 710 36.84 -6.37 -12.02
CA MSE A 710 36.83 -7.51 -11.11
C MSE A 710 36.83 -7.10 -9.67
O MSE A 710 35.90 -7.43 -8.95
CB MSE A 710 38.00 -8.43 -11.39
CG MSE A 710 37.73 -9.88 -10.98
SE MSE A 710 36.20 -10.58 -11.74
CE MSE A 710 35.45 -11.47 -10.30
N PRO A 711 37.86 -6.38 -9.21
CA PRO A 711 37.87 -5.98 -7.80
C PRO A 711 36.65 -5.13 -7.40
N ILE A 712 36.10 -4.35 -8.32
CA ILE A 712 34.91 -3.58 -8.00
C ILE A 712 33.77 -4.54 -7.60
N LEU A 713 33.55 -5.57 -8.42
CA LEU A 713 32.52 -6.59 -8.18
C LEU A 713 32.79 -7.27 -6.86
N GLY A 714 34.07 -7.51 -6.59
CA GLY A 714 34.41 -8.15 -5.35
C GLY A 714 33.85 -7.34 -4.21
N THR A 715 34.05 -6.04 -4.30
CA THR A 715 33.58 -5.12 -3.30
C THR A 715 32.08 -5.08 -3.20
N ASN A 716 31.39 -5.50 -4.24
CA ASN A 716 29.95 -5.46 -4.23
C ASN A 716 29.25 -6.73 -3.87
N LEU A 717 30.02 -7.72 -3.44
CA LEU A 717 29.48 -8.99 -3.04
C LEU A 717 29.13 -8.81 -1.57
N ASN A 718 28.75 -7.59 -1.22
CA ASN A 718 28.36 -7.27 0.13
C ASN A 718 26.85 -7.50 0.27
N PRO A 719 26.43 -8.50 1.05
CA PRO A 719 25.00 -8.77 1.21
C PRO A 719 24.20 -7.67 1.91
N GLU A 720 24.83 -6.54 2.13
CA GLU A 720 24.17 -5.42 2.76
C GLU A 720 23.12 -4.83 1.81
N PHE A 721 23.19 -5.26 0.55
CA PHE A 721 22.25 -4.83 -0.51
C PHE A 721 22.16 -6.05 -1.41
N ILE A 722 21.39 -7.04 -1.00
CA ILE A 722 21.34 -8.27 -1.77
C ILE A 722 21.16 -8.09 -3.25
N SER A 723 20.18 -7.28 -3.67
CA SER A 723 19.96 -7.06 -5.09
C SER A 723 21.20 -6.65 -5.87
N VAL A 724 22.03 -5.81 -5.26
CA VAL A 724 23.27 -5.40 -5.91
C VAL A 724 24.16 -6.66 -5.95
N CYS A 725 24.26 -7.30 -4.79
CA CYS A 725 25.03 -8.51 -4.64
C CYS A 725 24.59 -9.55 -5.68
N ASN A 726 23.28 -9.72 -5.82
CA ASN A 726 22.74 -10.67 -6.76
C ASN A 726 23.24 -10.46 -8.16
N ASN A 727 23.19 -9.23 -8.66
CA ASN A 727 23.64 -9.01 -10.02
C ASN A 727 25.16 -9.03 -10.15
N ALA A 728 25.86 -8.62 -9.10
CA ALA A 728 27.31 -8.64 -9.19
C ALA A 728 27.72 -10.09 -9.23
N THR A 729 27.01 -10.91 -8.47
CA THR A 729 27.36 -12.29 -8.48
C THR A 729 27.20 -12.86 -9.88
N TRP A 730 26.02 -12.72 -10.46
CA TRP A 730 25.77 -13.25 -11.80
C TRP A 730 26.72 -12.74 -12.84
N ALA A 731 27.16 -11.50 -12.68
CA ALA A 731 28.07 -10.93 -13.62
C ALA A 731 29.44 -11.58 -13.51
N ILE A 732 29.85 -11.94 -12.29
CA ILE A 732 31.15 -12.60 -12.12
C ILE A 732 31.08 -13.96 -12.78
N GLY A 733 29.92 -14.59 -12.72
CA GLY A 733 29.76 -15.89 -13.33
C GLY A 733 29.93 -15.90 -14.85
N GLU A 734 29.39 -14.88 -15.50
CA GLU A 734 29.45 -14.80 -16.95
C GLU A 734 30.83 -14.35 -17.42
N ILE A 735 31.55 -13.64 -16.55
CA ILE A 735 32.89 -13.16 -16.86
C ILE A 735 33.92 -14.30 -16.74
N SER A 736 33.76 -15.14 -15.73
CA SER A 736 34.70 -16.23 -15.57
C SER A 736 34.61 -17.23 -16.73
N ILE A 737 33.42 -17.35 -17.32
CA ILE A 737 33.26 -18.28 -18.43
C ILE A 737 33.88 -17.74 -19.70
N GLN A 738 33.83 -16.42 -19.85
CA GLN A 738 34.42 -15.81 -21.04
C GLN A 738 35.93 -15.83 -20.99
N MSE A 739 36.51 -16.03 -19.81
CA MSE A 739 37.96 -16.04 -19.77
C MSE A 739 38.75 -17.18 -19.15
O MSE A 739 39.87 -17.00 -18.71
CB MSE A 739 38.45 -14.70 -19.24
CG MSE A 739 38.27 -14.41 -17.80
SE MSE A 739 39.05 -12.75 -17.58
CE MSE A 739 40.63 -12.85 -18.46
N GLY A 740 38.15 -18.36 -19.16
CA GLY A 740 38.80 -19.57 -18.67
C GLY A 740 39.80 -19.43 -17.56
N ILE A 741 40.85 -20.23 -17.62
CA ILE A 741 41.88 -20.22 -16.57
C ILE A 741 42.49 -18.86 -16.33
N GLU A 742 42.38 -17.98 -17.32
CA GLU A 742 42.90 -16.64 -17.16
C GLU A 742 42.15 -15.91 -16.05
N MSE A 743 41.26 -16.65 -15.38
CA MSE A 743 40.41 -16.14 -14.31
C MSE A 743 41.11 -16.43 -13.01
O MSE A 743 40.96 -15.73 -12.02
CB MSE A 743 39.05 -16.84 -14.36
CG MSE A 743 38.03 -16.37 -13.31
SE MSE A 743 37.40 -14.65 -13.47
CE MSE A 743 36.68 -14.36 -11.81
N GLN A 744 41.88 -17.50 -13.05
CA GLN A 744 42.65 -18.01 -11.92
C GLN A 744 43.04 -16.97 -10.85
N PRO A 745 43.66 -15.85 -11.23
CA PRO A 745 44.10 -14.78 -10.33
C PRO A 745 43.02 -14.00 -9.55
N TYR A 746 41.80 -13.99 -10.06
CA TYR A 746 40.74 -13.27 -9.39
C TYR A 746 39.92 -14.11 -8.43
N ILE A 747 40.24 -15.39 -8.30
CA ILE A 747 39.46 -16.25 -7.43
C ILE A 747 39.46 -15.83 -5.95
N PRO A 748 40.62 -15.53 -5.39
CA PRO A 748 40.74 -15.10 -3.99
C PRO A 748 39.88 -13.92 -3.58
N MSE A 749 39.71 -12.94 -4.46
CA MSE A 749 38.91 -11.78 -4.10
C MSE A 749 37.43 -11.94 -4.39
O MSE A 749 36.69 -10.97 -4.48
CB MSE A 749 39.39 -10.54 -4.84
CG MSE A 749 39.39 -10.66 -6.35
SE MSE A 749 39.76 -9.04 -7.12
CE MSE A 749 41.62 -8.97 -6.97
N VAL A 750 36.98 -13.19 -4.51
CA VAL A 750 35.59 -13.47 -4.80
C VAL A 750 35.13 -14.77 -4.14
N LEU A 751 35.92 -15.82 -4.31
CA LEU A 751 35.54 -17.13 -3.79
C LEU A 751 35.06 -17.15 -2.37
N HIS A 752 35.79 -16.49 -1.49
CA HIS A 752 35.41 -16.48 -0.09
C HIS A 752 34.00 -15.92 0.10
N GLN A 753 33.76 -14.70 -0.37
CA GLN A 753 32.44 -14.10 -0.22
C GLN A 753 31.34 -14.98 -0.81
N LEU A 754 31.62 -15.68 -1.91
CA LEU A 754 30.60 -16.55 -2.48
C LEU A 754 30.26 -17.71 -1.54
N VAL A 755 31.26 -18.45 -1.12
CA VAL A 755 31.02 -19.57 -0.23
C VAL A 755 30.36 -19.08 1.04
N GLU A 756 30.55 -17.81 1.38
CA GLU A 756 29.96 -17.25 2.58
C GLU A 756 28.48 -17.07 2.35
N ILE A 757 28.14 -16.48 1.22
CA ILE A 757 26.74 -16.19 0.90
C ILE A 757 25.91 -17.44 0.73
N ILE A 758 26.41 -18.39 -0.03
CA ILE A 758 25.70 -19.63 -0.28
C ILE A 758 25.25 -20.21 1.05
N ASN A 759 25.99 -19.95 2.12
CA ASN A 759 25.64 -20.46 3.45
C ASN A 759 25.13 -19.36 4.39
N ARG A 760 24.58 -18.29 3.84
CA ARG A 760 24.11 -17.18 4.67
C ARG A 760 22.64 -17.31 4.97
N PRO A 761 22.29 -17.38 6.27
CA PRO A 761 20.89 -17.53 6.67
C PRO A 761 19.99 -16.39 6.23
N ASN A 762 18.74 -16.73 5.99
CA ASN A 762 17.74 -15.76 5.58
C ASN A 762 18.09 -15.06 4.29
N THR A 763 18.78 -15.75 3.39
CA THR A 763 19.14 -15.14 2.12
C THR A 763 18.11 -15.54 1.07
N PRO A 764 17.64 -14.56 0.28
CA PRO A 764 16.64 -14.75 -0.79
C PRO A 764 17.04 -15.81 -1.83
N LYS A 765 16.07 -16.62 -2.25
CA LYS A 765 16.30 -17.68 -3.23
C LYS A 765 17.19 -17.26 -4.40
N THR A 766 16.72 -16.30 -5.19
CA THR A 766 17.49 -15.83 -6.31
C THR A 766 18.98 -15.58 -6.02
N LEU A 767 19.30 -14.95 -4.90
CA LEU A 767 20.71 -14.76 -4.59
C LEU A 767 21.41 -16.10 -4.38
N LEU A 768 20.74 -17.06 -3.77
CA LEU A 768 21.36 -18.34 -3.57
C LEU A 768 21.49 -19.10 -4.88
N GLU A 769 20.56 -18.91 -5.81
CA GLU A 769 20.65 -19.61 -7.10
C GLU A 769 21.82 -19.10 -7.92
N ASN A 770 21.95 -17.78 -8.01
CA ASN A 770 23.06 -17.24 -8.76
C ASN A 770 24.37 -17.62 -8.09
N THR A 771 24.44 -17.44 -6.77
CA THR A 771 25.67 -17.77 -6.10
C THR A 771 26.03 -19.19 -6.46
N ALA A 772 25.07 -20.10 -6.32
CA ALA A 772 25.33 -21.49 -6.64
C ALA A 772 25.90 -21.55 -8.05
N ILE A 773 25.14 -21.05 -9.04
CA ILE A 773 25.60 -21.05 -10.44
C ILE A 773 27.01 -20.48 -10.65
N THR A 774 27.27 -19.31 -10.10
CA THR A 774 28.59 -18.75 -10.26
C THR A 774 29.65 -19.65 -9.67
N ILE A 775 29.48 -20.09 -8.43
CA ILE A 775 30.49 -20.96 -7.84
C ILE A 775 30.72 -22.10 -8.81
N GLY A 776 29.64 -22.61 -9.38
CA GLY A 776 29.80 -23.70 -10.32
C GLY A 776 30.76 -23.33 -11.43
N ARG A 777 30.47 -22.20 -12.07
CA ARG A 777 31.29 -21.72 -13.17
C ARG A 777 32.75 -21.50 -12.80
N LEU A 778 33.02 -20.76 -11.73
CA LEU A 778 34.41 -20.54 -11.31
C LEU A 778 35.06 -21.90 -11.22
N GLY A 779 34.38 -22.83 -10.59
CA GLY A 779 34.95 -24.15 -10.47
C GLY A 779 35.10 -24.84 -11.82
N TYR A 780 34.26 -24.48 -12.79
CA TYR A 780 34.35 -25.13 -14.08
C TYR A 780 35.57 -24.64 -14.80
N VAL A 781 36.02 -23.46 -14.43
CA VAL A 781 37.17 -22.88 -15.06
C VAL A 781 38.47 -23.18 -14.33
N CYS A 782 38.42 -23.19 -13.01
CA CYS A 782 39.58 -23.49 -12.18
C CYS A 782 39.19 -24.60 -11.22
N PRO A 783 39.16 -25.83 -11.70
CA PRO A 783 38.79 -26.93 -10.80
C PRO A 783 39.70 -27.03 -9.58
N GLN A 784 41.00 -27.03 -9.82
CA GLN A 784 41.98 -27.14 -8.75
C GLN A 784 41.78 -26.09 -7.69
N GLU A 785 41.38 -24.91 -8.10
CA GLU A 785 41.20 -23.82 -7.16
C GLU A 785 39.96 -23.90 -6.29
N VAL A 786 38.82 -24.25 -6.88
CA VAL A 786 37.59 -24.34 -6.12
C VAL A 786 37.31 -25.74 -5.55
N ALA A 787 37.73 -26.78 -6.25
CA ALA A 787 37.47 -28.15 -5.79
C ALA A 787 37.76 -28.49 -4.30
N PRO A 788 38.92 -28.09 -3.77
CA PRO A 788 39.15 -28.44 -2.37
C PRO A 788 38.08 -27.97 -1.42
N MSE A 789 37.32 -26.96 -1.80
CA MSE A 789 36.28 -26.43 -0.92
C MSE A 789 34.87 -26.94 -1.20
O MSE A 789 33.89 -26.29 -0.82
CB MSE A 789 36.25 -24.93 -1.02
CG MSE A 789 36.96 -24.19 0.09
SE MSE A 789 36.70 -22.42 -0.19
CE MSE A 789 37.81 -22.22 -1.59
N LEU A 790 34.77 -28.08 -1.86
CA LEU A 790 33.50 -28.66 -2.23
C LEU A 790 32.55 -28.99 -1.07
N GLN A 791 33.06 -29.51 0.03
CA GLN A 791 32.16 -29.85 1.15
C GLN A 791 31.61 -28.63 1.87
N GLN A 792 32.08 -27.45 1.51
CA GLN A 792 31.59 -26.23 2.15
C GLN A 792 30.39 -25.61 1.45
N PHE A 793 30.07 -26.08 0.25
CA PHE A 793 28.93 -25.53 -0.44
C PHE A 793 28.11 -26.55 -1.18
N ILE A 794 28.63 -27.76 -1.36
CA ILE A 794 27.88 -28.75 -2.11
C ILE A 794 26.43 -28.92 -1.66
N ARG A 795 26.18 -28.87 -0.36
CA ARG A 795 24.80 -29.01 0.14
C ARG A 795 23.85 -27.86 -0.27
N PRO A 796 24.14 -26.60 0.09
CA PRO A 796 23.23 -25.55 -0.33
C PRO A 796 23.19 -25.48 -1.86
N TRP A 797 24.29 -25.89 -2.49
CA TRP A 797 24.40 -25.86 -3.93
C TRP A 797 23.30 -26.70 -4.58
N CYS A 798 23.19 -27.95 -4.14
CA CYS A 798 22.18 -28.87 -4.66
C CYS A 798 20.81 -28.36 -4.25
N THR A 799 20.60 -28.26 -2.94
CA THR A 799 19.34 -27.79 -2.39
C THR A 799 18.78 -26.66 -3.22
N SER A 800 19.67 -25.77 -3.65
CA SER A 800 19.29 -24.62 -4.44
C SER A 800 19.00 -24.92 -5.91
N LEU A 801 20.02 -25.34 -6.64
CA LEU A 801 19.90 -25.64 -8.06
C LEU A 801 18.98 -26.77 -8.51
N ARG A 802 18.61 -27.66 -7.60
CA ARG A 802 17.72 -28.75 -7.96
C ARG A 802 16.37 -28.21 -8.41
N ASN A 803 16.07 -26.97 -8.04
CA ASN A 803 14.78 -26.39 -8.38
C ASN A 803 14.79 -25.39 -9.49
N ILE A 804 15.84 -25.38 -10.30
CA ILE A 804 15.92 -24.42 -11.38
C ILE A 804 15.73 -25.13 -12.73
N ARG A 805 15.05 -24.46 -13.65
CA ARG A 805 14.82 -24.99 -15.01
C ARG A 805 16.13 -25.30 -15.74
N ASP A 806 16.17 -26.35 -16.55
CA ASP A 806 17.38 -26.67 -17.31
C ASP A 806 17.57 -25.47 -18.24
N ASN A 807 18.80 -25.11 -18.54
CA ASN A 807 19.06 -23.97 -19.40
C ASN A 807 20.55 -23.81 -19.45
N GLU A 808 21.02 -22.82 -20.21
CA GLU A 808 22.44 -22.61 -20.33
C GLU A 808 23.09 -22.52 -18.96
N GLU A 809 22.60 -21.60 -18.15
CA GLU A 809 23.17 -21.41 -16.82
C GLU A 809 23.22 -22.67 -15.96
N LYS A 810 22.11 -23.39 -15.82
CA LYS A 810 22.14 -24.60 -15.03
C LYS A 810 23.14 -25.59 -15.61
N ASP A 811 23.24 -25.60 -16.93
CA ASP A 811 24.14 -26.52 -17.60
C ASP A 811 25.60 -26.24 -17.28
N SER A 812 26.03 -24.99 -17.38
CA SER A 812 27.42 -24.71 -17.09
C SER A 812 27.73 -25.03 -15.64
N ALA A 813 26.83 -24.63 -14.75
CA ALA A 813 27.01 -24.86 -13.34
C ALA A 813 27.24 -26.32 -13.06
N PHE A 814 26.47 -27.19 -13.68
CA PHE A 814 26.69 -28.61 -13.41
C PHE A 814 27.97 -29.12 -14.07
N ARG A 815 28.37 -28.52 -15.18
CA ARG A 815 29.61 -28.96 -15.79
C ARG A 815 30.72 -28.71 -14.77
N GLY A 816 30.66 -27.55 -14.12
CA GLY A 816 31.67 -27.20 -13.13
C GLY A 816 31.72 -28.10 -11.90
N ILE A 817 30.54 -28.42 -11.34
CA ILE A 817 30.52 -29.30 -10.18
C ILE A 817 31.03 -30.69 -10.57
N CYS A 818 30.54 -31.19 -11.69
CA CYS A 818 30.98 -32.50 -12.15
C CYS A 818 32.48 -32.49 -12.29
N THR A 819 33.01 -31.44 -12.90
CA THR A 819 34.45 -31.34 -13.07
C THR A 819 35.19 -31.37 -11.73
N MSE A 820 34.71 -30.59 -10.76
CA MSE A 820 35.34 -30.53 -9.43
C MSE A 820 35.20 -31.85 -8.71
O MSE A 820 36.15 -32.32 -8.09
CB MSE A 820 34.72 -29.42 -8.58
CG MSE A 820 34.92 -27.99 -9.10
SE MSE A 820 34.29 -26.65 -8.00
CE MSE A 820 32.62 -26.38 -8.69
N ILE A 821 34.02 -32.45 -8.77
CA ILE A 821 33.79 -33.72 -8.10
C ILE A 821 34.86 -34.73 -8.46
N SER A 822 35.27 -34.75 -9.72
CA SER A 822 36.28 -35.70 -10.14
C SER A 822 37.62 -35.35 -9.51
N VAL A 823 37.97 -34.07 -9.47
CA VAL A 823 39.24 -33.66 -8.86
C VAL A 823 39.28 -33.98 -7.35
N ASN A 824 38.11 -33.97 -6.72
CA ASN A 824 37.95 -34.20 -5.28
C ASN A 824 36.64 -34.94 -4.98
N PRO A 825 36.57 -36.25 -5.30
CA PRO A 825 35.37 -37.06 -5.09
C PRO A 825 34.99 -37.14 -3.61
N SER A 826 36.00 -37.24 -2.78
CA SER A 826 35.87 -37.34 -1.34
C SER A 826 35.19 -36.13 -0.75
N GLY A 827 35.11 -35.08 -1.55
CA GLY A 827 34.48 -33.87 -1.09
C GLY A 827 32.98 -33.86 -1.30
N VAL A 828 32.44 -34.96 -1.81
CA VAL A 828 31.02 -35.04 -2.06
C VAL A 828 30.41 -36.36 -1.63
N ILE A 829 31.21 -37.42 -1.61
CA ILE A 829 30.73 -38.75 -1.23
C ILE A 829 29.77 -38.71 -0.05
N GLN A 830 30.20 -38.09 1.03
CA GLN A 830 29.39 -37.96 2.25
C GLN A 830 27.99 -37.45 1.96
N ASP A 831 27.89 -36.48 1.06
CA ASP A 831 26.61 -35.91 0.72
C ASP A 831 26.21 -36.34 -0.67
N PHE A 832 26.43 -37.63 -0.97
CA PHE A 832 26.10 -38.16 -2.29
C PHE A 832 24.61 -38.25 -2.60
N ILE A 833 23.76 -38.26 -1.59
CA ILE A 833 22.34 -38.31 -1.85
C ILE A 833 21.85 -36.94 -2.30
N PHE A 834 22.51 -35.88 -1.85
CA PHE A 834 22.12 -34.53 -2.24
C PHE A 834 22.35 -34.33 -3.74
N PHE A 835 23.50 -34.77 -4.22
CA PHE A 835 23.83 -34.62 -5.62
C PHE A 835 22.87 -35.44 -6.47
N CYS A 836 22.62 -36.69 -6.08
CA CYS A 836 21.73 -37.51 -6.87
C CYS A 836 20.41 -36.83 -7.17
N ASP A 837 19.84 -36.19 -6.17
CA ASP A 837 18.58 -35.49 -6.34
C ASP A 837 18.81 -34.35 -7.34
N ALA A 838 19.90 -33.60 -7.16
CA ALA A 838 20.21 -32.51 -8.07
C ALA A 838 20.33 -33.02 -9.51
N VAL A 839 21.00 -34.16 -9.69
CA VAL A 839 21.16 -34.73 -11.03
C VAL A 839 19.81 -35.14 -11.61
N ALA A 840 18.99 -35.75 -10.79
CA ALA A 840 17.66 -36.19 -11.22
C ALA A 840 16.69 -35.06 -11.47
N SER A 841 17.11 -33.82 -11.29
CA SER A 841 16.18 -32.74 -11.54
C SER A 841 16.27 -32.40 -13.01
N TRP A 842 17.20 -33.05 -13.70
CA TRP A 842 17.41 -32.82 -15.12
C TRP A 842 16.45 -33.64 -15.95
N ILE A 843 15.76 -33.01 -16.88
CA ILE A 843 14.86 -33.76 -17.75
C ILE A 843 15.66 -34.26 -18.94
N ASN A 844 16.20 -33.34 -19.74
CA ASN A 844 17.02 -33.72 -20.90
C ASN A 844 18.28 -32.89 -20.95
N PRO A 845 19.42 -33.51 -20.61
CA PRO A 845 20.70 -32.82 -20.61
C PRO A 845 21.50 -33.21 -21.83
N LYS A 846 22.49 -32.41 -22.19
CA LYS A 846 23.33 -32.72 -23.35
C LYS A 846 24.15 -33.97 -23.07
N ASP A 847 24.26 -34.85 -24.07
CA ASP A 847 25.00 -36.11 -23.91
C ASP A 847 26.36 -35.89 -23.27
N ASP A 848 26.96 -34.76 -23.61
CA ASP A 848 28.25 -34.41 -23.07
C ASP A 848 28.22 -34.51 -21.53
N LEU A 849 27.32 -33.73 -20.94
CA LEU A 849 27.11 -33.66 -19.49
C LEU A 849 26.47 -34.92 -18.90
N ARG A 850 25.62 -35.54 -19.70
CA ARG A 850 24.93 -36.74 -19.30
C ARG A 850 25.96 -37.83 -18.99
N ASP A 851 27.12 -37.74 -19.63
CA ASP A 851 28.14 -38.74 -19.42
C ASP A 851 29.03 -38.44 -18.23
N MSE A 852 28.96 -37.22 -17.72
CA MSE A 852 29.75 -36.86 -16.56
C MSE A 852 28.94 -37.38 -15.38
O MSE A 852 29.51 -37.85 -14.40
CB MSE A 852 29.91 -35.34 -16.47
CG MSE A 852 30.49 -34.70 -17.72
SE MSE A 852 30.70 -32.87 -17.61
CE MSE A 852 32.43 -32.77 -16.93
N PHE A 853 27.62 -37.29 -15.49
CA PHE A 853 26.73 -37.77 -14.43
C PHE A 853 26.99 -39.24 -14.26
N CYS A 854 26.89 -39.96 -15.37
CA CYS A 854 27.11 -41.40 -15.37
C CYS A 854 28.36 -41.81 -14.58
N LYS A 855 29.47 -41.11 -14.81
CA LYS A 855 30.68 -41.45 -14.10
C LYS A 855 30.56 -41.25 -12.59
N ILE A 856 30.15 -40.06 -12.19
CA ILE A 856 30.01 -39.75 -10.78
C ILE A 856 29.10 -40.75 -10.09
N LEU A 857 28.02 -41.11 -10.77
CA LEU A 857 27.06 -42.05 -10.23
C LEU A 857 27.70 -43.40 -10.03
N HIS A 858 28.33 -43.92 -11.08
CA HIS A 858 29.02 -45.21 -10.99
C HIS A 858 30.09 -45.10 -9.90
N GLY A 859 30.55 -43.88 -9.67
CA GLY A 859 31.52 -43.65 -8.63
C GLY A 859 30.83 -43.99 -7.31
N PHE A 860 29.63 -43.47 -7.12
CA PHE A 860 28.89 -43.74 -5.90
C PHE A 860 28.60 -45.23 -5.79
N LYS A 861 28.15 -45.84 -6.87
CA LYS A 861 27.86 -47.27 -6.80
C LYS A 861 29.10 -47.98 -6.24
N ASN A 862 30.27 -47.61 -6.73
CA ASN A 862 31.50 -48.23 -6.26
C ASN A 862 31.73 -48.00 -4.79
N GLN A 863 31.13 -46.96 -4.25
CA GLN A 863 31.35 -46.67 -2.85
C GLN A 863 30.43 -47.40 -1.88
N VAL A 864 29.22 -47.71 -2.31
CA VAL A 864 28.31 -48.39 -1.39
C VAL A 864 28.10 -49.86 -1.75
N GLY A 865 28.56 -50.23 -2.95
CA GLY A 865 28.42 -51.61 -3.38
C GLY A 865 27.21 -51.83 -4.25
N ASP A 866 27.27 -52.84 -5.10
CA ASP A 866 26.17 -53.13 -6.01
C ASP A 866 24.79 -53.27 -5.38
N GLU A 867 24.69 -53.94 -4.24
CA GLU A 867 23.35 -54.10 -3.67
C GLU A 867 22.78 -52.86 -3.02
N ASN A 868 23.64 -52.10 -2.34
CA ASN A 868 23.19 -50.87 -1.71
C ASN A 868 22.76 -49.89 -2.78
N TRP A 869 23.56 -49.78 -3.83
CA TRP A 869 23.23 -48.90 -4.92
C TRP A 869 21.98 -49.37 -5.64
N ARG A 870 21.80 -50.68 -5.77
CA ARG A 870 20.60 -51.19 -6.44
C ARG A 870 19.38 -50.73 -5.66
N ARG A 871 19.40 -51.04 -4.37
CA ARG A 871 18.32 -50.71 -3.47
C ARG A 871 18.06 -49.21 -3.34
N PHE A 872 19.14 -48.44 -3.20
CA PHE A 872 19.01 -47.00 -3.05
C PHE A 872 18.33 -46.46 -4.28
N SER A 873 18.94 -46.76 -5.40
CA SER A 873 18.45 -46.31 -6.66
C SER A 873 16.98 -46.57 -6.88
N ASP A 874 16.49 -47.66 -6.33
CA ASP A 874 15.10 -48.00 -6.53
C ASP A 874 14.08 -47.23 -5.71
N GLN A 875 14.51 -46.73 -4.56
CA GLN A 875 13.63 -45.99 -3.69
C GLN A 875 13.50 -44.52 -4.08
N PHE A 876 13.04 -44.28 -5.29
CA PHE A 876 12.84 -42.91 -5.77
C PHE A 876 11.45 -42.84 -6.37
N PRO A 877 10.82 -41.67 -6.31
CA PRO A 877 9.49 -41.62 -6.93
C PRO A 877 9.68 -41.76 -8.44
N LEU A 878 8.92 -42.68 -9.04
CA LEU A 878 8.97 -42.99 -10.47
C LEU A 878 9.80 -42.11 -11.42
N PRO A 879 9.38 -40.86 -11.70
CA PRO A 879 10.12 -39.98 -12.60
C PRO A 879 11.64 -39.88 -12.34
N LEU A 880 12.02 -39.45 -11.15
CA LEU A 880 13.43 -39.33 -10.82
C LEU A 880 14.05 -40.71 -11.05
N LYS A 881 13.40 -41.71 -10.48
CA LYS A 881 13.87 -43.07 -10.59
C LYS A 881 14.33 -43.44 -11.99
N GLU A 882 13.56 -43.06 -13.00
CA GLU A 882 13.90 -43.39 -14.37
C GLU A 882 15.01 -42.53 -14.93
N ARG A 883 14.95 -41.23 -14.66
CA ARG A 883 15.97 -40.31 -15.14
C ARG A 883 17.32 -40.77 -14.63
N LEU A 884 17.37 -41.14 -13.35
CA LEU A 884 18.61 -41.61 -12.75
C LEU A 884 19.08 -42.87 -13.46
N ALA A 885 18.13 -43.76 -13.75
CA ALA A 885 18.40 -45.01 -14.43
C ALA A 885 19.03 -44.70 -15.79
N ALA A 886 18.38 -43.83 -16.56
CA ALA A 886 18.88 -43.44 -17.87
C ALA A 886 20.33 -42.90 -17.82
N PHE A 887 20.67 -42.12 -16.80
CA PHE A 887 22.02 -41.57 -16.71
C PHE A 887 23.02 -42.66 -16.37
N TYR A 888 22.61 -43.60 -15.54
CA TYR A 888 23.47 -44.71 -15.14
C TYR A 888 23.42 -45.72 -16.27
N GLY A 889 24.53 -46.39 -16.55
CA GLY A 889 24.51 -47.35 -17.64
C GLY A 889 25.00 -48.75 -17.30
N VAL A 890 24.16 -49.54 -16.64
CA VAL A 890 24.51 -50.93 -16.29
C VAL A 890 24.61 -51.70 -17.61
N GLN B 8 -21.67 29.36 -2.17
CA GLN B 8 -21.30 30.62 -1.45
C GLN B 8 -21.42 30.42 0.08
N VAL B 9 -20.41 29.78 0.66
CA VAL B 9 -20.41 29.52 2.11
C VAL B 9 -19.01 29.33 2.70
N GLN B 10 -18.77 29.98 3.84
CA GLN B 10 -17.48 29.89 4.53
C GLN B 10 -17.42 28.59 5.32
N PHE B 11 -16.21 28.08 5.55
CA PHE B 11 -16.03 26.84 6.28
C PHE B 11 -14.78 26.80 7.18
N LYS B 12 -14.90 26.09 8.29
CA LYS B 12 -13.79 25.95 9.22
C LYS B 12 -13.04 24.65 8.98
N LEU B 13 -11.95 24.76 8.20
CA LEU B 13 -11.12 23.60 7.89
C LEU B 13 -9.76 23.72 8.57
N VAL B 14 -9.53 22.87 9.58
CA VAL B 14 -8.26 22.91 10.27
C VAL B 14 -7.31 21.95 9.57
N LEU B 15 -6.10 22.42 9.29
CA LEU B 15 -5.06 21.65 8.61
C LEU B 15 -3.98 21.20 9.60
N VAL B 16 -4.29 20.29 10.50
CA VAL B 16 -3.34 19.80 11.49
C VAL B 16 -2.19 19.07 10.84
N GLY B 17 -1.63 18.10 11.55
CA GLY B 17 -0.53 17.33 11.00
C GLY B 17 0.86 17.75 11.42
N ASP B 18 1.71 16.76 11.68
CA ASP B 18 3.08 16.98 12.10
C ASP B 18 3.74 18.13 11.36
N GLY B 19 4.92 18.52 11.82
CA GLY B 19 5.62 19.63 11.18
C GLY B 19 6.39 19.27 9.93
N GLY B 20 6.31 20.14 8.92
CA GLY B 20 7.02 19.91 7.68
C GLY B 20 6.26 19.06 6.66
N THR B 21 5.44 18.13 7.14
CA THR B 21 4.69 17.22 6.28
C THR B 21 4.22 17.76 4.92
N GLY B 22 4.03 19.07 4.80
CA GLY B 22 3.61 19.63 3.53
C GLY B 22 2.50 20.67 3.59
N LYS B 23 1.71 20.61 4.65
CA LYS B 23 0.60 21.52 4.88
C LYS B 23 0.72 22.89 4.23
N THR B 24 1.80 23.61 4.54
CA THR B 24 1.97 24.95 3.99
C THR B 24 2.22 25.01 2.48
N THR B 25 2.75 23.93 1.89
CA THR B 25 2.99 23.91 0.44
C THR B 25 1.73 23.39 -0.22
N PHE B 26 1.15 22.36 0.39
CA PHE B 26 -0.07 21.75 -0.12
C PHE B 26 -1.08 22.84 -0.41
N VAL B 27 -1.37 23.66 0.60
CA VAL B 27 -2.31 24.74 0.43
C VAL B 27 -1.80 25.70 -0.62
N LYS B 28 -0.53 26.05 -0.52
CA LYS B 28 0.08 26.96 -1.46
C LYS B 28 -0.21 26.53 -2.89
N ARG B 29 -0.23 25.22 -3.13
CA ARG B 29 -0.48 24.66 -4.47
C ARG B 29 -1.79 25.12 -5.10
N HIS B 30 -2.88 25.05 -4.32
CA HIS B 30 -4.18 25.46 -4.82
C HIS B 30 -4.25 26.97 -5.00
N LEU B 31 -3.30 27.68 -4.40
CA LEU B 31 -3.24 29.13 -4.51
C LEU B 31 -2.25 29.58 -5.56
N THR B 32 -1.15 28.83 -5.70
CA THR B 32 -0.10 29.16 -6.67
C THR B 32 -0.41 28.69 -8.09
N GLY B 33 0.55 27.95 -8.64
CA GLY B 33 0.42 27.43 -10.00
C GLY B 33 1.61 26.50 -10.23
N GLU B 34 2.40 26.33 -9.17
CA GLU B 34 3.58 25.47 -9.20
C GLU B 34 3.96 25.07 -7.78
N PHE B 35 4.97 24.20 -7.69
CA PHE B 35 5.48 23.70 -6.42
C PHE B 35 6.17 24.84 -5.69
N GLU B 36 7.03 24.49 -4.74
CA GLU B 36 7.77 25.46 -3.95
C GLU B 36 8.47 24.69 -2.82
N LYS B 37 9.76 24.46 -2.99
CA LYS B 37 10.54 23.73 -2.00
C LYS B 37 11.31 24.72 -1.14
N LYS B 38 11.61 24.32 0.10
CA LYS B 38 12.36 25.16 1.02
C LYS B 38 12.22 24.79 2.49
N TYR B 39 10.98 24.81 2.96
CA TYR B 39 10.68 24.55 4.36
C TYR B 39 11.08 25.81 5.11
N VAL B 40 10.10 26.68 5.31
CA VAL B 40 10.28 27.92 6.03
C VAL B 40 9.16 27.84 7.07
N ALA B 41 9.23 26.77 7.87
CA ALA B 41 8.27 26.44 8.92
C ALA B 41 7.21 27.50 9.21
N THR B 42 6.00 27.04 9.47
CA THR B 42 4.92 27.97 9.78
C THR B 42 4.94 28.25 11.28
N LEU B 43 4.85 29.53 11.62
CA LEU B 43 4.83 29.98 13.02
C LEU B 43 3.38 30.25 13.42
N GLY B 44 2.90 31.46 13.17
CA GLY B 44 1.53 31.80 13.50
C GLY B 44 0.55 31.17 12.53
N VAL B 45 -0.09 30.09 12.97
CA VAL B 45 -1.06 29.35 12.16
C VAL B 45 -1.84 30.25 11.20
N GLU B 46 -1.40 30.27 9.94
CA GLU B 46 -2.03 31.10 8.92
C GLU B 46 -3.36 30.63 8.33
N VAL B 47 -4.21 31.60 8.03
CA VAL B 47 -5.54 31.36 7.49
C VAL B 47 -5.68 31.71 6.01
N HIS B 48 -5.55 30.69 5.16
CA HIS B 48 -5.69 30.89 3.72
C HIS B 48 -7.10 30.48 3.33
N PRO B 49 -7.75 31.31 2.51
CA PRO B 49 -9.10 31.06 2.03
C PRO B 49 -9.05 30.44 0.64
N LEU B 50 -9.84 29.37 0.46
CA LEU B 50 -9.89 28.67 -0.81
C LEU B 50 -11.30 28.59 -1.33
N VAL B 51 -11.43 28.64 -2.65
CA VAL B 51 -12.74 28.56 -3.26
C VAL B 51 -12.79 27.65 -4.48
N PHE B 52 -13.65 26.63 -4.42
CA PHE B 52 -13.82 25.71 -5.52
C PHE B 52 -15.17 25.96 -6.15
N HIS B 53 -15.26 25.66 -7.44
CA HIS B 53 -16.49 25.84 -8.18
C HIS B 53 -17.07 24.47 -8.44
N THR B 54 -18.24 24.24 -7.86
CA THR B 54 -18.91 22.96 -7.96
C THR B 54 -20.15 23.01 -8.81
N ASN B 55 -20.74 21.84 -9.04
CA ASN B 55 -21.96 21.71 -9.84
C ASN B 55 -23.13 22.12 -8.99
N ARG B 56 -22.82 22.58 -7.78
CA ARG B 56 -23.84 22.95 -6.82
C ARG B 56 -23.59 24.37 -6.37
N GLY B 57 -22.65 25.03 -7.02
CA GLY B 57 -22.31 26.39 -6.68
C GLY B 57 -20.89 26.49 -6.19
N PRO B 58 -20.49 27.65 -5.67
CA PRO B 58 -19.13 27.83 -5.17
C PRO B 58 -18.98 27.36 -3.73
N ILE B 59 -17.74 27.30 -3.24
CA ILE B 59 -17.49 26.88 -1.87
C ILE B 59 -16.32 27.60 -1.23
N LYS B 60 -16.62 28.31 -0.14
CA LYS B 60 -15.60 29.07 0.58
C LYS B 60 -15.01 28.18 1.65
N PHE B 61 -13.73 27.86 1.47
CA PHE B 61 -13.02 27.02 2.41
C PHE B 61 -11.94 27.88 3.05
N ASN B 62 -12.03 28.09 4.36
CA ASN B 62 -11.02 28.86 5.06
C ASN B 62 -10.05 27.88 5.68
N VAL B 63 -8.93 27.72 4.99
CA VAL B 63 -7.91 26.79 5.40
C VAL B 63 -7.03 27.34 6.50
N TRP B 64 -7.11 26.69 7.66
CA TRP B 64 -6.30 27.07 8.79
C TRP B 64 -5.01 26.27 8.80
N ASP B 65 -4.03 26.83 8.11
CA ASP B 65 -2.69 26.26 7.97
C ASP B 65 -2.07 26.21 9.36
N THR B 66 -2.27 25.12 10.08
CA THR B 66 -1.72 24.96 11.42
C THR B 66 -0.21 24.82 11.33
N ALA B 67 0.45 24.66 12.48
CA ALA B 67 1.91 24.48 12.51
C ALA B 67 2.25 23.16 13.21
N GLY B 68 3.40 22.60 12.88
CA GLY B 68 3.79 21.35 13.50
C GLY B 68 4.97 21.55 14.43
N GLN B 69 5.70 22.63 14.21
CA GLN B 69 6.87 22.96 15.02
C GLN B 69 6.49 23.76 16.27
N GLU B 70 7.45 23.90 17.18
CA GLU B 70 7.21 24.66 18.39
C GLU B 70 7.34 26.14 18.08
N LYS B 71 6.88 26.50 16.88
CA LYS B 71 6.89 27.88 16.43
C LYS B 71 5.55 28.41 16.92
N PHE B 72 4.54 27.54 16.86
CA PHE B 72 3.22 27.87 17.36
C PHE B 72 2.75 26.67 18.15
N GLY B 73 3.70 25.78 18.42
CA GLY B 73 3.42 24.57 19.19
C GLY B 73 2.85 24.95 20.54
N GLY B 74 2.65 26.25 20.75
CA GLY B 74 2.10 26.75 21.99
C GLY B 74 0.58 26.72 21.87
N LEU B 75 0.05 27.38 20.85
CA LEU B 75 -1.40 27.42 20.67
C LEU B 75 -1.83 26.16 19.94
N ARG B 76 -2.09 25.12 20.72
CA ARG B 76 -2.53 23.84 20.18
C ARG B 76 -3.94 23.98 19.62
N ASP B 77 -4.93 23.64 20.43
CA ASP B 77 -6.32 23.73 20.01
C ASP B 77 -6.66 25.20 19.82
N GLY B 78 -7.90 25.57 20.13
CA GLY B 78 -8.28 26.97 19.98
C GLY B 78 -8.79 27.29 18.60
N TYR B 79 -8.20 26.68 17.58
CA TYR B 79 -8.65 26.91 16.21
C TYR B 79 -9.63 25.78 15.93
N TYR B 80 -9.34 24.62 16.53
CA TYR B 80 -10.17 23.43 16.39
C TYR B 80 -11.56 23.76 16.94
N ILE B 81 -11.65 24.88 17.63
CA ILE B 81 -12.90 25.36 18.22
C ILE B 81 -13.85 25.65 17.06
N GLN B 82 -15.14 25.37 17.26
CA GLN B 82 -16.14 25.60 16.24
C GLN B 82 -15.60 25.33 14.83
N ALA B 83 -14.86 24.24 14.69
CA ALA B 83 -14.29 23.84 13.40
C ALA B 83 -15.32 23.00 12.65
N GLN B 84 -15.32 23.08 11.33
CA GLN B 84 -16.29 22.31 10.57
C GLN B 84 -15.73 21.08 9.86
N CYS B 85 -14.42 21.03 9.67
CA CYS B 85 -13.79 19.91 8.98
C CYS B 85 -12.28 19.95 9.15
N ALA B 86 -11.67 18.77 9.13
CA ALA B 86 -10.23 18.68 9.31
C ALA B 86 -9.47 17.76 8.35
N ILE B 87 -8.21 18.13 8.10
CA ILE B 87 -7.29 17.39 7.26
C ILE B 87 -6.07 17.00 8.11
N ILE B 88 -5.97 15.72 8.48
CA ILE B 88 -4.84 15.22 9.29
C ILE B 88 -3.76 14.70 8.33
N MSE B 89 -2.74 15.52 8.10
CA MSE B 89 -1.67 15.15 7.16
C MSE B 89 -0.31 14.74 7.71
O MSE B 89 0.23 15.36 8.61
CB MSE B 89 -1.46 16.30 6.19
CG MSE B 89 -0.44 16.00 5.12
SE MSE B 89 -0.29 17.39 3.98
CE MSE B 89 -1.85 17.20 3.03
N PHE B 90 0.26 13.68 7.12
CA PHE B 90 1.58 13.25 7.54
C PHE B 90 2.63 13.21 6.43
N ASP B 91 3.36 12.11 6.36
CA ASP B 91 4.41 11.96 5.36
C ASP B 91 4.76 10.49 5.18
N VAL B 92 4.52 9.93 4.00
CA VAL B 92 4.84 8.53 3.79
C VAL B 92 6.35 8.28 3.87
N THR B 93 7.15 9.33 3.66
CA THR B 93 8.59 9.22 3.71
C THR B 93 9.14 9.48 5.10
N SER B 94 8.29 9.36 6.10
CA SER B 94 8.70 9.59 7.50
C SER B 94 8.08 8.56 8.43
N ARG B 95 8.94 7.69 8.97
CA ARG B 95 8.50 6.63 9.86
C ARG B 95 7.59 7.12 10.97
N VAL B 96 7.99 8.23 11.59
CA VAL B 96 7.24 8.85 12.67
C VAL B 96 5.90 9.34 12.10
N THR B 97 5.73 10.65 12.00
CA THR B 97 4.51 11.26 11.48
C THR B 97 3.26 10.38 11.53
N TYR B 98 3.21 9.31 10.74
CA TYR B 98 2.04 8.43 10.78
C TYR B 98 1.85 7.85 12.18
N LYS B 99 2.90 7.95 12.99
CA LYS B 99 2.89 7.44 14.36
C LYS B 99 2.51 8.60 15.29
N ASN B 100 3.14 9.74 15.07
CA ASN B 100 2.84 10.91 15.86
C ASN B 100 1.53 11.50 15.33
N VAL B 101 0.60 10.62 14.90
CA VAL B 101 -0.68 11.08 14.34
C VAL B 101 -1.90 10.98 15.25
N PRO B 102 -2.25 9.76 15.69
CA PRO B 102 -3.42 9.60 16.57
C PRO B 102 -3.46 10.62 17.70
N ASN B 103 -2.39 11.39 17.86
CA ASN B 103 -2.35 12.41 18.89
C ASN B 103 -3.04 13.68 18.41
N TRP B 104 -3.32 13.75 17.11
CA TRP B 104 -4.01 14.91 16.55
C TRP B 104 -5.50 14.57 16.40
N HIS B 105 -5.76 13.34 15.98
CA HIS B 105 -7.14 12.92 15.83
C HIS B 105 -7.84 13.20 17.15
N ARG B 106 -7.15 12.93 18.25
CA ARG B 106 -7.71 13.16 19.59
C ARG B 106 -7.75 14.64 19.94
N ASP B 107 -6.59 15.29 19.98
CA ASP B 107 -6.55 16.71 20.32
C ASP B 107 -7.27 17.53 19.23
N LEU B 108 -8.22 16.88 18.58
CA LEU B 108 -9.04 17.50 17.54
C LEU B 108 -10.48 17.10 17.83
N VAL B 109 -10.71 15.79 17.99
CA VAL B 109 -12.03 15.28 18.29
C VAL B 109 -12.44 15.81 19.67
N ARG B 110 -11.44 16.25 20.44
CA ARG B 110 -11.69 16.81 21.76
C ARG B 110 -12.56 18.01 21.52
N VAL B 111 -12.02 18.98 20.80
CA VAL B 111 -12.77 20.18 20.47
C VAL B 111 -13.89 19.80 19.51
N CYS B 112 -13.67 20.08 18.20
CA CYS B 112 -14.67 19.62 17.25
C CYS B 112 -15.04 18.16 17.50
N GLU B 113 -16.26 17.87 17.85
CA GLU B 113 -16.61 16.50 18.26
C GLU B 113 -17.11 15.50 17.24
N ASN B 114 -17.27 15.92 15.98
CA ASN B 114 -17.70 14.99 14.94
C ASN B 114 -17.53 15.54 13.53
N ILE B 115 -16.70 16.57 13.38
CA ILE B 115 -16.46 17.15 12.07
C ILE B 115 -15.91 16.07 11.15
N PRO B 116 -15.98 16.29 9.84
CA PRO B 116 -15.43 15.25 8.94
C PRO B 116 -13.93 15.46 8.91
N ILE B 117 -13.17 14.36 8.91
CA ILE B 117 -11.73 14.47 8.88
C ILE B 117 -11.15 13.60 7.79
N VAL B 118 -10.17 14.13 7.08
CA VAL B 118 -9.49 13.38 6.03
C VAL B 118 -8.02 13.23 6.39
N LEU B 119 -7.56 11.98 6.39
CA LEU B 119 -6.18 11.66 6.69
C LEU B 119 -5.40 11.55 5.38
N CYS B 120 -4.37 12.36 5.21
CA CYS B 120 -3.57 12.35 3.98
C CYS B 120 -2.10 11.96 4.08
N GLY B 121 -1.73 10.87 3.42
CA GLY B 121 -0.34 10.45 3.39
C GLY B 121 0.23 11.27 2.25
N ASN B 122 1.02 12.29 2.56
CA ASN B 122 1.59 13.17 1.54
C ASN B 122 2.99 12.77 1.12
N LYS B 123 3.46 13.37 0.03
CA LYS B 123 4.79 13.12 -0.52
C LYS B 123 4.96 11.73 -1.16
N VAL B 124 3.88 11.15 -1.66
CA VAL B 124 3.97 9.83 -2.29
C VAL B 124 4.70 9.89 -3.61
N ASP B 125 5.26 11.05 -3.93
CA ASP B 125 5.99 11.22 -5.18
C ASP B 125 7.43 10.83 -5.00
N ILE B 126 7.75 10.18 -3.88
CA ILE B 126 9.11 9.76 -3.60
C ILE B 126 9.24 8.26 -3.58
N LYS B 127 10.28 7.75 -4.25
CA LYS B 127 10.50 6.33 -4.34
C LYS B 127 10.74 5.69 -2.99
N ASP B 128 11.42 6.40 -2.11
CA ASP B 128 11.73 5.88 -0.77
C ASP B 128 10.52 5.99 0.20
N ARG B 129 9.45 5.27 -0.08
CA ARG B 129 8.28 5.33 0.76
C ARG B 129 8.42 4.59 2.09
N LYS B 130 8.71 5.35 3.13
CA LYS B 130 8.88 4.79 4.47
C LYS B 130 7.62 4.12 5.04
N VAL B 131 6.51 4.85 5.06
CA VAL B 131 5.23 4.32 5.57
C VAL B 131 4.45 3.66 4.45
N LYS B 132 4.67 2.37 4.26
CA LYS B 132 3.97 1.65 3.20
C LYS B 132 2.48 1.78 3.46
N ALA B 133 1.71 1.81 2.39
CA ALA B 133 0.26 1.94 2.48
C ALA B 133 -0.28 0.86 3.41
N LYS B 134 0.17 -0.37 3.20
CA LYS B 134 -0.24 -1.51 4.00
C LYS B 134 -0.09 -1.24 5.51
N SER B 135 0.70 -0.24 5.88
CA SER B 135 0.91 0.11 7.29
C SER B 135 -0.11 1.14 7.79
N ILE B 136 -1.03 1.55 6.93
CA ILE B 136 -2.02 2.55 7.28
C ILE B 136 -3.39 1.92 7.50
N VAL B 137 -3.74 1.70 8.77
CA VAL B 137 -5.02 1.08 9.10
C VAL B 137 -5.87 2.02 9.97
N PHE B 138 -5.22 3.07 10.47
CA PHE B 138 -5.90 4.05 11.31
C PHE B 138 -7.32 4.33 10.77
N HIS B 139 -7.37 5.10 9.69
CA HIS B 139 -8.64 5.45 9.03
C HIS B 139 -9.66 4.31 9.00
N ARG B 140 -9.21 3.09 8.73
CA ARG B 140 -10.14 1.97 8.66
C ARG B 140 -10.84 1.82 10.01
N LYS B 141 -10.09 2.12 11.08
CA LYS B 141 -10.59 2.00 12.44
C LYS B 141 -11.29 3.24 13.00
N LYS B 142 -10.53 4.29 13.28
CA LYS B 142 -11.13 5.51 13.83
C LYS B 142 -12.03 6.19 12.79
N ASN B 143 -12.37 5.40 11.76
CA ASN B 143 -13.22 5.79 10.65
C ASN B 143 -13.14 7.18 10.03
N LEU B 144 -12.06 7.40 9.27
CA LEU B 144 -11.85 8.67 8.57
C LEU B 144 -11.82 8.36 7.07
N GLN B 145 -11.14 9.20 6.32
CA GLN B 145 -11.02 9.00 4.88
C GLN B 145 -9.57 9.19 4.51
N TYR B 146 -9.02 8.24 3.76
CA TYR B 146 -7.61 8.33 3.39
C TYR B 146 -7.33 8.70 1.92
N TYR B 147 -6.17 9.32 1.69
CA TYR B 147 -5.75 9.73 0.37
C TYR B 147 -4.24 9.83 0.20
N ASP B 148 -3.67 9.02 -0.66
CA ASP B 148 -2.25 9.12 -0.94
C ASP B 148 -2.26 10.45 -1.71
N ILE B 149 -1.30 11.34 -1.49
CA ILE B 149 -1.27 12.59 -2.25
C ILE B 149 0.14 13.13 -2.43
N SER B 150 0.29 14.16 -3.25
CA SER B 150 1.58 14.77 -3.47
C SER B 150 1.39 16.23 -3.83
N ALA B 151 1.61 17.10 -2.85
CA ALA B 151 1.51 18.53 -3.09
C ALA B 151 2.54 18.87 -4.17
N LYS B 152 3.51 17.98 -4.30
CA LYS B 152 4.57 18.16 -5.26
C LYS B 152 4.11 18.08 -6.70
N SER B 153 3.47 16.97 -7.03
CA SER B 153 3.02 16.73 -8.38
C SER B 153 1.55 16.96 -8.66
N ASN B 154 0.72 17.05 -7.62
CA ASN B 154 -0.71 17.26 -7.78
C ASN B 154 -1.48 15.98 -7.79
N TYR B 155 -0.87 14.90 -7.35
CA TYR B 155 -1.59 13.64 -7.34
C TYR B 155 -2.65 13.61 -6.25
N ASN B 156 -3.91 13.66 -6.68
CA ASN B 156 -5.06 13.65 -5.77
C ASN B 156 -5.13 14.91 -4.97
N PHE B 157 -4.45 15.96 -5.44
CA PHE B 157 -4.42 17.19 -4.68
C PHE B 157 -5.73 17.93 -4.57
N GLU B 158 -6.82 17.26 -4.89
CA GLU B 158 -8.13 17.87 -4.77
C GLU B 158 -9.09 16.98 -3.96
N LYS B 159 -8.88 15.68 -4.05
CA LYS B 159 -9.68 14.70 -3.33
C LYS B 159 -10.07 15.04 -1.89
N PRO B 160 -9.13 15.52 -1.06
CA PRO B 160 -9.55 15.84 0.31
C PRO B 160 -10.71 16.82 0.33
N PHE B 161 -10.59 17.89 -0.43
CA PHE B 161 -11.66 18.88 -0.47
C PHE B 161 -12.97 18.35 -1.05
N LEU B 162 -12.90 17.62 -2.15
CA LEU B 162 -14.14 17.12 -2.74
C LEU B 162 -14.86 16.24 -1.75
N TRP B 163 -14.11 15.39 -1.06
CA TRP B 163 -14.70 14.48 -0.08
C TRP B 163 -15.28 15.26 1.10
N LEU B 164 -14.62 16.35 1.48
CA LEU B 164 -15.08 17.18 2.57
C LEU B 164 -16.33 17.91 2.15
N ALA B 165 -16.29 18.55 0.99
CA ALA B 165 -17.47 19.28 0.52
C ALA B 165 -18.65 18.32 0.49
N ARG B 166 -18.44 17.17 -0.13
CA ARG B 166 -19.50 16.20 -0.24
C ARG B 166 -20.06 15.78 1.09
N LYS B 167 -19.21 15.78 2.10
CA LYS B 167 -19.67 15.36 3.42
C LYS B 167 -20.43 16.50 4.05
N LEU B 168 -19.92 17.72 3.86
CA LEU B 168 -20.57 18.89 4.40
C LEU B 168 -21.92 19.04 3.73
N ILE B 169 -21.96 19.59 2.53
CA ILE B 169 -23.21 19.77 1.79
C ILE B 169 -24.14 18.54 1.74
N GLY B 170 -23.63 17.37 2.07
CA GLY B 170 -24.43 16.15 2.05
C GLY B 170 -24.96 15.73 0.68
N ASP B 171 -24.12 15.84 -0.34
CA ASP B 171 -24.52 15.50 -1.70
C ASP B 171 -23.46 14.67 -2.41
N PRO B 172 -23.68 13.37 -2.59
CA PRO B 172 -22.68 12.54 -3.26
C PRO B 172 -22.54 12.91 -4.74
N ASN B 173 -23.53 13.62 -5.27
CA ASN B 173 -23.51 14.03 -6.67
C ASN B 173 -22.68 15.29 -6.89
N LEU B 174 -22.22 15.90 -5.82
CA LEU B 174 -21.44 17.12 -5.96
C LEU B 174 -20.07 16.84 -6.54
N GLU B 175 -19.64 17.72 -7.44
CA GLU B 175 -18.30 17.59 -7.99
C GLU B 175 -17.80 18.93 -8.47
N PHE B 176 -16.49 19.10 -8.53
CA PHE B 176 -15.94 20.36 -8.97
C PHE B 176 -15.96 20.41 -10.48
N VAL B 177 -16.22 21.58 -11.03
CA VAL B 177 -16.27 21.72 -12.47
C VAL B 177 -15.02 22.35 -13.03
N ALA B 178 -14.00 21.53 -13.26
CA ALA B 178 -12.75 22.01 -13.83
C ALA B 178 -13.06 22.36 -15.29
N MSE B 179 -13.95 21.57 -15.87
CA MSE B 179 -14.40 21.75 -17.25
C MSE B 179 -14.72 23.23 -17.51
O MSE B 179 -15.48 23.86 -16.77
CB MSE B 179 -15.64 20.90 -17.51
CG MSE B 179 -16.68 20.92 -16.36
SE MSE B 179 -18.44 21.25 -16.81
CE MSE B 179 -18.57 23.06 -16.45
N PRO B 180 -14.13 23.81 -18.57
CA PRO B 180 -14.40 25.22 -18.90
C PRO B 180 -15.83 25.45 -19.37
N ALA B 181 -16.22 26.71 -19.49
CA ALA B 181 -17.56 27.06 -19.94
C ALA B 181 -17.68 26.96 -21.47
N LEU B 182 -18.91 26.80 -21.95
CA LEU B 182 -19.16 26.71 -23.37
C LEU B 182 -20.41 27.53 -23.66
N ALA B 183 -21.22 27.11 -24.61
CA ALA B 183 -22.43 27.86 -24.92
C ALA B 183 -23.34 27.83 -23.70
N PRO B 184 -24.02 28.95 -23.41
CA PRO B 184 -24.93 29.04 -22.26
C PRO B 184 -25.86 27.83 -22.30
N PRO B 185 -25.82 27.01 -21.25
CA PRO B 185 -26.65 25.82 -21.23
C PRO B 185 -28.08 25.95 -21.70
N GLU B 186 -28.71 27.12 -21.56
CA GLU B 186 -30.07 27.18 -22.01
C GLU B 186 -30.29 27.52 -23.48
N VAL B 187 -29.22 27.62 -24.26
CA VAL B 187 -29.39 27.96 -25.67
C VAL B 187 -28.78 26.91 -26.55
N VAL B 188 -28.19 25.92 -25.93
CA VAL B 188 -27.55 24.81 -26.64
C VAL B 188 -28.52 24.20 -27.63
N MSE B 189 -28.17 24.20 -28.90
CA MSE B 189 -29.06 23.66 -29.91
C MSE B 189 -29.23 22.16 -29.91
O MSE B 189 -28.34 21.41 -29.49
CB MSE B 189 -28.61 24.06 -31.30
CG MSE B 189 -28.89 25.50 -31.62
SE MSE B 189 -28.51 25.84 -33.35
CE MSE B 189 -30.01 25.17 -34.14
N ASP B 190 -30.38 21.74 -30.43
CA ASP B 190 -30.78 20.35 -30.56
C ASP B 190 -29.59 19.43 -30.50
N PRO B 191 -29.73 18.29 -29.81
CA PRO B 191 -28.62 17.36 -29.72
C PRO B 191 -27.61 17.59 -30.85
N ALA B 192 -28.08 17.42 -32.07
CA ALA B 192 -27.29 17.59 -33.27
C ALA B 192 -28.04 16.75 -34.26
N LEU B 193 -28.52 15.61 -33.78
CA LEU B 193 -29.30 14.69 -34.61
C LEU B 193 -30.74 15.16 -34.53
N ALA B 194 -31.10 15.80 -33.40
CA ALA B 194 -32.45 16.30 -33.24
C ALA B 194 -32.63 17.40 -34.26
N ALA B 195 -31.52 17.85 -34.81
CA ALA B 195 -31.54 18.89 -35.83
C ALA B 195 -32.43 18.37 -36.94
N GLN B 196 -31.95 17.34 -37.64
CA GLN B 196 -32.70 16.72 -38.72
C GLN B 196 -33.46 15.46 -38.28
N TYR B 197 -34.43 15.65 -37.38
CA TYR B 197 -35.26 14.55 -36.87
C TYR B 197 -36.75 14.87 -37.01
MG MG C . 4.91 25.34 7.14
PG GNP D . 5.18 23.45 9.37
O1G GNP D . 6.28 24.11 10.04
O2G GNP D . 3.96 24.22 9.40
O3G GNP D . 4.75 22.18 10.26
N3B GNP D . 5.65 22.95 7.88
PB GNP D . 4.68 22.18 6.82
O1B GNP D . 4.09 20.94 7.34
O2B GNP D . 3.69 23.06 6.18
O3A GNP D . 5.65 21.72 5.63
PA GNP D . 6.12 22.63 4.32
O1A GNP D . 4.95 22.93 3.43
O2A GNP D . 6.99 23.76 4.73
O5' GNP D . 7.02 21.53 3.61
C5' GNP D . 8.32 21.10 4.07
C4' GNP D . 9.25 20.66 2.91
O4' GNP D . 8.72 19.47 2.24
C3' GNP D . 9.38 21.77 1.83
O3' GNP D . 10.71 21.86 1.21
C2' GNP D . 8.34 21.30 0.80
O2' GNP D . 8.54 21.77 -0.52
C1' GNP D . 8.54 19.78 0.84
N9 GNP D . 7.36 19.01 0.33
C8 GNP D . 6.05 19.12 0.72
N7 GNP D . 5.24 18.34 0.12
C5 GNP D . 6.04 17.64 -0.75
C6 GNP D . 5.67 16.63 -1.67
O6 GNP D . 4.54 16.19 -1.87
N1 GNP D . 6.79 16.15 -2.40
C2 GNP D . 8.09 16.58 -2.25
N2 GNP D . 9.02 16.01 -3.03
N3 GNP D . 8.42 17.56 -1.36
C4 GNP D . 7.34 18.03 -0.65
#